data_1K72
#
_entry.id   1K72
#
_cell.length_a   57.000
_cell.length_b   57.600
_cell.length_c   86.800
_cell.angle_alpha   93.60
_cell.angle_beta   100.80
_cell.angle_gamma   99.50
#
_symmetry.space_group_name_H-M   'P 1'
#
loop_
_entity.id
_entity.type
_entity.pdbx_description
1 polymer 'Endoglucanase 9G'
2 branched beta-D-glucopyranose-(1-4)-beta-D-glucopyranose
3 non-polymer alpha-D-glucopyranose
4 non-polymer 'CALCIUM ION'
5 non-polymer 'MAGNESIUM ION'
6 non-polymer GLYCEROL
7 water water
#
_entity_poly.entity_id   1
_entity_poly.type   'polypeptide(L)'
_entity_poly.pdbx_seq_one_letter_code
;AGTYNYGEALQKSIMFYEFQRSGDLPADKRDNWRDDSGMKDGSDVGVDLTGGWYDAGDHVKFNLPMSYTSAMLAWSLYED
KDAYDKSGQTKYIMDGIKWANDYFIKCNPTPGVYYYQVGDGGKDHSWWGPAEVMQMERPSFKVDASKPGSAVCASTAASL
ASAAVVFKSSDPTYAEKCISHAKNLFDMADKAKSDAGYTAASGYYSSSSFYDDLSWAAVWLYLATNDSTYLDKAESYVPN
WGKEQQTDIIAYKWGQ(SCH)WDDVHYGAELLLAKLTNKQLYKDSIEMNLDFWTTGVNGTRVSYTPKGLAWLFQWGSLRH
ATTQAFLAGVYAEWEGCTPSKVSVYKDFLKSQIDYALGSTGRSFVVGYGVNPPQHPHHRTAHGSWTDQMTSPTYHRHTIY
GALVGGPDNADGYTDEINNYVNNEIACDYNAGFTGALAKMYKHSGGDPIPNFKAIEKITNDEVIIKAGLNSTGPNYTEIK
AVVYNQTGWPARVTDKISFKYFMDLSEIVAAGIDPLSLVTSSNYSEGKNTKVSGVLPWDVSNNVYYVNVDLTGENIYPGG
QSACRREVQFRIAAPQGTTYWNPKNDFSYDGLPTTSTVNTVTNIPVYDNGVKVFGNEP
;
_entity_poly.pdbx_strand_id   A,B
#
# COMPACT_ATOMS: atom_id res chain seq x y z
N THR A 3 -15.73 -25.11 16.34
CA THR A 3 -15.78 -26.20 15.31
C THR A 3 -14.59 -26.10 14.36
N TYR A 4 -13.77 -27.20 14.26
CA TYR A 4 -12.56 -27.10 13.41
C TYR A 4 -12.48 -28.30 12.46
N ASN A 5 -11.94 -28.02 11.28
CA ASN A 5 -11.78 -29.06 10.29
C ASN A 5 -10.52 -29.84 10.62
N TYR A 6 -10.68 -30.98 11.30
CA TYR A 6 -9.54 -31.79 11.69
C TYR A 6 -8.88 -32.56 10.54
N GLY A 7 -9.67 -32.90 9.52
CA GLY A 7 -9.10 -33.62 8.38
C GLY A 7 -8.15 -32.75 7.57
N GLU A 8 -8.52 -31.49 7.37
CA GLU A 8 -7.68 -30.55 6.65
C GLU A 8 -6.44 -30.26 7.48
N ALA A 9 -6.59 -30.19 8.79
CA ALA A 9 -5.46 -29.94 9.67
C ALA A 9 -4.46 -31.11 9.56
N LEU A 10 -4.99 -32.34 9.56
CA LEU A 10 -4.17 -33.55 9.47
C LEU A 10 -3.43 -33.59 8.15
N GLN A 11 -4.14 -33.29 7.07
CA GLN A 11 -3.58 -33.28 5.73
C GLN A 11 -2.40 -32.32 5.65
N LYS A 12 -2.58 -31.10 6.15
CA LYS A 12 -1.52 -30.10 6.12
C LYS A 12 -0.35 -30.44 7.05
N SER A 13 -0.64 -31.00 8.22
CA SER A 13 0.42 -31.39 9.16
C SER A 13 1.36 -32.42 8.52
N ILE A 14 0.80 -33.34 7.73
CA ILE A 14 1.61 -34.36 7.07
C ILE A 14 2.40 -33.67 5.97
N MET A 15 1.73 -32.78 5.23
CA MET A 15 2.38 -32.07 4.14
C MET A 15 3.56 -31.26 4.59
N PHE A 16 3.49 -30.74 5.82
CA PHE A 16 4.58 -29.95 6.42
C PHE A 16 5.93 -30.62 6.22
N TYR A 17 5.99 -31.91 6.49
CA TYR A 17 7.25 -32.65 6.35
C TYR A 17 7.80 -32.65 4.94
N GLU A 18 6.93 -32.62 3.94
CA GLU A 18 7.38 -32.59 2.56
C GLU A 18 8.22 -31.35 2.28
N PHE A 19 7.88 -30.24 2.92
CA PHE A 19 8.61 -28.99 2.73
C PHE A 19 9.94 -28.98 3.50
N GLN A 20 10.12 -29.94 4.42
CA GLN A 20 11.34 -30.06 5.23
C GLN A 20 12.35 -30.99 4.55
N ARG A 21 11.92 -31.67 3.49
CA ARG A 21 12.79 -32.63 2.80
C ARG A 21 14.08 -32.10 2.21
N SER A 22 15.15 -32.84 2.47
CA SER A 22 16.46 -32.55 1.93
C SER A 22 16.75 -33.67 0.90
N GLY A 23 17.69 -33.42 -0.01
CA GLY A 23 18.05 -34.42 -0.99
C GLY A 23 17.39 -34.30 -2.35
N ASP A 24 17.40 -35.42 -3.05
CA ASP A 24 16.84 -35.55 -4.41
C ASP A 24 15.33 -35.74 -4.27
N LEU A 25 14.56 -34.68 -4.53
CA LEU A 25 13.10 -34.72 -4.38
C LEU A 25 12.37 -35.48 -5.50
N PRO A 26 11.29 -36.20 -5.13
CA PRO A 26 10.48 -37.00 -6.07
C PRO A 26 9.89 -36.17 -7.19
N ALA A 27 9.73 -36.81 -8.36
CA ALA A 27 9.13 -36.17 -9.53
C ALA A 27 7.65 -35.93 -9.24
N ASP A 28 7.08 -36.72 -8.34
CA ASP A 28 5.68 -36.58 -7.95
C ASP A 28 5.40 -35.53 -6.88
N LYS A 29 6.38 -34.69 -6.54
CA LYS A 29 6.15 -33.68 -5.51
C LYS A 29 5.06 -32.68 -5.88
N ARG A 30 4.29 -32.28 -4.88
CA ARG A 30 3.17 -31.38 -5.09
C ARG A 30 3.40 -29.91 -4.74
N ASP A 31 4.58 -29.39 -5.06
CA ASP A 31 4.90 -27.99 -4.81
C ASP A 31 5.83 -27.54 -5.92
N ASN A 32 6.00 -26.23 -6.08
CA ASN A 32 6.90 -25.73 -7.12
C ASN A 32 7.94 -24.82 -6.50
N TRP A 33 8.15 -25.00 -5.12
CA TRP A 33 9.14 -24.07 -4.55
C TRP A 33 10.20 -24.79 -3.72
N ARG A 34 10.19 -26.11 -3.62
CA ARG A 34 11.30 -26.89 -3.05
C ARG A 34 11.94 -27.71 -4.17
N ASP A 35 13.26 -27.82 -4.17
CA ASP A 35 13.95 -28.61 -5.18
C ASP A 35 15.13 -29.32 -4.53
N ASP A 36 15.95 -29.98 -5.34
CA ASP A 36 17.11 -30.69 -4.83
C ASP A 36 17.99 -29.80 -3.97
N SER A 37 18.48 -30.34 -2.86
CA SER A 37 19.33 -29.59 -1.95
C SER A 37 20.10 -30.59 -1.11
N GLY A 38 21.23 -30.12 -0.57
CA GLY A 38 22.09 -30.97 0.25
C GLY A 38 22.48 -32.22 -0.54
N MET A 39 22.63 -32.02 -1.85
CA MET A 39 22.96 -33.12 -2.76
C MET A 39 24.33 -33.75 -2.59
N LYS A 40 25.21 -33.08 -1.85
CA LYS A 40 26.56 -33.59 -1.58
C LYS A 40 26.67 -34.08 -0.13
N ASP A 41 25.55 -34.19 0.56
CA ASP A 41 25.57 -34.65 1.95
C ASP A 41 26.23 -36.02 2.05
N GLY A 42 27.27 -36.08 2.89
CA GLY A 42 28.04 -37.31 3.10
C GLY A 42 29.28 -37.42 2.22
N SER A 43 29.47 -36.49 1.31
CA SER A 43 30.64 -36.51 0.40
C SER A 43 31.98 -36.43 1.11
N ASP A 44 31.98 -35.75 2.27
CA ASP A 44 33.19 -35.62 3.08
C ASP A 44 33.65 -36.96 3.65
N VAL A 45 32.74 -37.93 3.73
CA VAL A 45 33.08 -39.27 4.24
C VAL A 45 32.92 -40.40 3.20
N GLY A 46 32.58 -40.02 1.97
CA GLY A 46 32.40 -41.00 0.91
C GLY A 46 31.15 -41.87 1.02
N VAL A 47 30.12 -41.36 1.70
CA VAL A 47 28.87 -42.10 1.85
C VAL A 47 27.70 -41.26 1.34
N ASP A 48 26.77 -41.89 0.63
CA ASP A 48 25.59 -41.15 0.17
C ASP A 48 24.71 -40.96 1.41
N LEU A 49 24.66 -39.73 1.92
CA LEU A 49 23.82 -39.42 3.09
C LEU A 49 22.73 -38.41 2.72
N THR A 50 22.37 -38.37 1.43
CA THR A 50 21.34 -37.43 0.99
C THR A 50 19.96 -37.90 1.47
N GLY A 51 19.05 -36.94 1.61
CA GLY A 51 17.70 -37.25 2.05
C GLY A 51 17.41 -36.82 3.48
N GLY A 52 16.36 -37.39 4.06
CA GLY A 52 15.97 -37.03 5.42
C GLY A 52 15.31 -35.65 5.45
N TRP A 53 15.04 -35.15 6.65
CA TRP A 53 14.40 -33.86 6.78
C TRP A 53 15.30 -32.84 7.48
N TYR A 54 15.19 -31.60 7.05
CA TYR A 54 15.88 -30.50 7.72
C TYR A 54 15.13 -30.40 9.05
N ASP A 55 15.85 -30.10 10.13
CA ASP A 55 15.22 -30.05 11.44
C ASP A 55 14.10 -29.06 11.72
N ALA A 56 14.39 -27.77 11.57
CA ALA A 56 13.42 -26.75 11.95
C ALA A 56 13.40 -25.64 10.91
N GLY A 57 13.70 -24.41 11.30
CA GLY A 57 13.76 -23.33 10.31
C GLY A 57 15.14 -23.23 9.70
N ASP A 58 15.97 -24.24 9.98
CA ASP A 58 17.37 -24.33 9.52
C ASP A 58 17.59 -25.51 8.55
N HIS A 59 18.86 -25.80 8.22
CA HIS A 59 19.14 -26.88 7.29
C HIS A 59 20.07 -27.99 7.81
N VAL A 60 20.18 -28.08 9.12
CA VAL A 60 20.99 -29.16 9.69
C VAL A 60 20.08 -30.38 9.77
N LYS A 61 20.66 -31.55 9.54
CA LYS A 61 19.95 -32.80 9.67
C LYS A 61 20.43 -33.37 11.02
N PHE A 62 19.58 -33.21 12.04
CA PHE A 62 19.84 -33.67 13.41
C PHE A 62 19.05 -34.98 13.59
N ASN A 63 19.75 -36.11 13.56
CA ASN A 63 19.07 -37.41 13.63
C ASN A 63 18.27 -37.75 14.89
N LEU A 64 18.56 -37.14 16.03
CA LEU A 64 17.80 -37.47 17.24
C LEU A 64 16.35 -36.96 17.10
N PRO A 65 16.15 -35.64 16.92
CA PRO A 65 14.75 -35.22 16.77
C PRO A 65 14.12 -35.76 15.47
N MET A 66 14.94 -36.00 14.44
CA MET A 66 14.41 -36.51 13.17
C MET A 66 13.80 -37.91 13.33
N SER A 67 14.50 -38.78 14.04
CA SER A 67 14.04 -40.17 14.28
C SER A 67 12.92 -40.17 15.32
N TYR A 68 12.98 -39.23 16.27
CA TYR A 68 11.88 -39.12 17.24
C TYR A 68 10.60 -38.86 16.44
N THR A 69 10.70 -37.92 15.49
CA THR A 69 9.59 -37.52 14.64
C THR A 69 8.99 -38.68 13.84
N SER A 70 9.82 -39.39 13.07
CA SER A 70 9.31 -40.50 12.27
C SER A 70 8.77 -41.64 13.14
N ALA A 71 9.38 -41.87 14.30
CA ALA A 71 8.87 -42.89 15.21
C ALA A 71 7.47 -42.48 15.69
N MET A 72 7.29 -41.18 15.99
CA MET A 72 5.98 -40.70 16.46
C MET A 72 4.90 -40.78 15.35
N LEU A 73 5.28 -40.47 14.12
CA LEU A 73 4.35 -40.54 12.99
C LEU A 73 3.94 -42.00 12.75
N ALA A 74 4.92 -42.90 12.80
CA ALA A 74 4.62 -44.34 12.63
C ALA A 74 3.74 -44.82 13.78
N TRP A 75 4.02 -44.36 15.00
CA TRP A 75 3.17 -44.72 16.14
C TRP A 75 1.70 -44.30 15.85
N SER A 76 1.50 -43.11 15.29
CA SER A 76 0.13 -42.66 14.96
C SER A 76 -0.51 -43.58 13.92
N LEU A 77 0.26 -43.94 12.90
CA LEU A 77 -0.28 -44.81 11.84
C LEU A 77 -0.60 -46.20 12.41
N TYR A 78 0.18 -46.64 13.37
CA TYR A 78 -0.05 -47.93 14.00
C TYR A 78 -1.33 -47.88 14.82
N GLU A 79 -1.59 -46.76 15.47
CA GLU A 79 -2.77 -46.63 16.32
C GLU A 79 -4.06 -46.31 15.60
N ASP A 80 -3.95 -45.51 14.55
CA ASP A 80 -5.13 -45.02 13.85
C ASP A 80 -5.12 -45.10 12.33
N LYS A 81 -4.72 -46.26 11.81
N LYS A 81 -4.72 -46.26 11.81
CA LYS A 81 -4.69 -46.46 10.36
CA LYS A 81 -4.69 -46.46 10.36
C LYS A 81 -6.03 -46.12 9.72
C LYS A 81 -6.03 -46.12 9.72
N ASP A 82 -7.13 -46.45 10.39
CA ASP A 82 -8.47 -46.18 9.88
C ASP A 82 -8.73 -44.71 9.61
N ALA A 83 -8.12 -43.83 10.41
CA ALA A 83 -8.29 -42.39 10.23
C ALA A 83 -7.55 -41.93 8.99
N TYR A 84 -6.34 -42.47 8.79
CA TYR A 84 -5.57 -42.11 7.62
C TYR A 84 -6.25 -42.60 6.35
N ASP A 85 -6.76 -43.83 6.38
CA ASP A 85 -7.46 -44.39 5.23
C ASP A 85 -8.72 -43.57 4.87
N LYS A 86 -9.52 -43.27 5.87
CA LYS A 86 -10.74 -42.50 5.66
C LYS A 86 -10.49 -41.10 5.14
N SER A 87 -9.44 -40.45 5.62
CA SER A 87 -9.07 -39.09 5.18
C SER A 87 -8.35 -39.09 3.84
N GLY A 88 -7.95 -40.28 3.37
CA GLY A 88 -7.24 -40.40 2.10
C GLY A 88 -5.79 -39.93 2.22
N GLN A 89 -5.29 -39.85 3.45
CA GLN A 89 -3.91 -39.36 3.68
C GLN A 89 -2.85 -40.43 3.94
N THR A 90 -3.24 -41.69 3.91
CA THR A 90 -2.32 -42.80 4.18
C THR A 90 -1.05 -42.81 3.35
N LYS A 91 -1.19 -42.56 2.04
CA LYS A 91 -0.03 -42.57 1.14
C LYS A 91 0.97 -41.50 1.53
N TYR A 92 0.46 -40.34 1.91
CA TYR A 92 1.30 -39.21 2.25
C TYR A 92 2.07 -39.40 3.55
N ILE A 93 1.42 -39.91 4.59
CA ILE A 93 2.15 -40.15 5.85
C ILE A 93 3.13 -41.31 5.69
N MET A 94 2.79 -42.30 4.88
CA MET A 94 3.73 -43.40 4.68
C MET A 94 4.94 -42.93 3.89
N ASP A 95 4.73 -42.03 2.93
CA ASP A 95 5.84 -41.52 2.13
C ASP A 95 6.77 -40.72 3.05
N GLY A 96 6.19 -39.96 3.99
CA GLY A 96 7.01 -39.22 4.94
C GLY A 96 7.83 -40.16 5.82
N ILE A 97 7.17 -41.15 6.43
CA ILE A 97 7.86 -42.13 7.29
C ILE A 97 9.00 -42.81 6.51
N LYS A 98 8.74 -43.16 5.26
CA LYS A 98 9.75 -43.81 4.43
C LYS A 98 10.87 -42.84 4.09
N TRP A 99 10.53 -41.57 3.86
CA TRP A 99 11.56 -40.57 3.57
C TRP A 99 12.62 -40.50 4.69
N ALA A 100 12.15 -40.43 5.91
CA ALA A 100 13.06 -40.36 7.05
C ALA A 100 13.83 -41.66 7.19
N ASN A 101 13.12 -42.77 7.14
CA ASN A 101 13.77 -44.05 7.35
C ASN A 101 14.73 -44.50 6.26
N ASP A 102 14.47 -44.11 5.02
CA ASP A 102 15.40 -44.42 3.94
C ASP A 102 16.73 -43.75 4.27
N TYR A 103 16.66 -42.52 4.82
CA TYR A 103 17.87 -41.77 5.18
C TYR A 103 18.61 -42.42 6.36
N PHE A 104 17.88 -42.88 7.39
CA PHE A 104 18.53 -43.52 8.52
C PHE A 104 19.27 -44.78 8.06
N ILE A 105 18.68 -45.49 7.10
CA ILE A 105 19.30 -46.70 6.55
C ILE A 105 20.62 -46.32 5.86
N LYS A 106 20.61 -45.22 5.10
CA LYS A 106 21.84 -44.76 4.45
C LYS A 106 22.88 -44.40 5.50
N CYS A 107 22.42 -43.91 6.65
CA CYS A 107 23.31 -43.50 7.75
C CYS A 107 23.97 -44.67 8.50
N ASN A 108 23.52 -45.90 8.25
CA ASN A 108 24.07 -47.12 8.87
C ASN A 108 24.63 -47.93 7.66
N PRO A 109 25.69 -47.41 7.00
CA PRO A 109 26.29 -48.07 5.82
C PRO A 109 26.99 -49.40 6.00
N THR A 110 27.41 -49.65 7.22
CA THR A 110 28.10 -50.90 7.53
C THR A 110 27.77 -51.19 8.99
N PRO A 111 27.71 -52.48 9.38
CA PRO A 111 27.40 -52.83 10.77
C PRO A 111 28.32 -52.14 11.76
N GLY A 112 27.76 -51.50 12.79
CA GLY A 112 28.56 -50.82 13.80
C GLY A 112 28.91 -49.34 13.60
N VAL A 113 28.51 -48.78 12.47
CA VAL A 113 28.77 -47.38 12.16
C VAL A 113 27.43 -46.64 11.96
N TYR A 114 27.29 -45.47 12.56
CA TYR A 114 26.03 -44.72 12.37
C TYR A 114 26.32 -43.22 12.27
N TYR A 115 25.97 -42.63 11.12
CA TYR A 115 26.10 -41.18 10.94
C TYR A 115 24.86 -40.50 11.52
N TYR A 116 25.07 -39.68 12.53
CA TYR A 116 23.95 -39.09 13.24
C TYR A 116 23.68 -37.65 12.94
N GLN A 117 24.46 -37.06 12.03
CA GLN A 117 24.26 -35.66 11.71
C GLN A 117 24.91 -35.26 10.41
N VAL A 118 24.28 -34.33 9.70
CA VAL A 118 24.90 -33.75 8.50
C VAL A 118 24.64 -32.25 8.62
N GLY A 119 25.71 -31.50 8.79
CA GLY A 119 25.59 -30.06 8.92
C GLY A 119 26.18 -29.60 10.24
N ASP A 120 26.68 -28.37 10.27
CA ASP A 120 27.22 -27.79 11.50
C ASP A 120 26.22 -26.73 11.96
N GLY A 121 25.75 -26.84 13.19
CA GLY A 121 24.78 -25.89 13.71
C GLY A 121 25.20 -24.44 13.56
N GLY A 122 26.42 -24.14 13.99
CA GLY A 122 26.95 -22.78 13.91
C GLY A 122 27.03 -22.23 12.50
N LYS A 123 27.70 -22.94 11.61
CA LYS A 123 27.85 -22.52 10.21
C LYS A 123 26.49 -22.44 9.50
N ASP A 124 25.66 -23.47 9.69
CA ASP A 124 24.34 -23.47 9.05
C ASP A 124 23.51 -22.27 9.47
N HIS A 125 23.50 -21.97 10.77
CA HIS A 125 22.71 -20.84 11.30
C HIS A 125 23.24 -19.45 11.01
N SER A 126 24.48 -19.36 10.53
CA SER A 126 25.07 -18.06 10.22
C SER A 126 24.60 -17.46 8.90
N TRP A 127 23.82 -18.22 8.12
CA TRP A 127 23.35 -17.79 6.80
C TRP A 127 21.83 -17.93 6.73
N TRP A 128 21.18 -16.88 6.19
CA TRP A 128 19.71 -16.91 6.10
C TRP A 128 19.28 -16.94 4.63
N GLY A 129 19.01 -18.15 4.11
CA GLY A 129 18.62 -18.30 2.72
C GLY A 129 18.02 -19.66 2.44
N PRO A 130 17.56 -19.90 1.19
CA PRO A 130 16.93 -21.16 0.77
C PRO A 130 17.87 -22.34 0.73
N ALA A 131 17.33 -23.49 1.13
CA ALA A 131 18.08 -24.75 1.17
C ALA A 131 18.82 -25.09 -0.14
N GLU A 132 18.16 -24.79 -1.25
CA GLU A 132 18.66 -25.11 -2.59
C GLU A 132 19.98 -24.48 -2.97
N VAL A 133 20.32 -23.35 -2.35
CA VAL A 133 21.56 -22.69 -2.70
C VAL A 133 22.61 -22.56 -1.60
N MET A 134 22.48 -23.36 -0.53
CA MET A 134 23.46 -23.35 0.56
C MET A 134 24.85 -23.50 -0.03
N GLN A 135 25.78 -22.69 0.44
CA GLN A 135 27.15 -22.72 -0.07
C GLN A 135 28.17 -23.22 0.95
N MET A 136 27.78 -23.28 2.22
CA MET A 136 28.71 -23.67 3.27
C MET A 136 28.99 -25.17 3.35
N GLU A 137 30.06 -25.53 4.04
CA GLU A 137 30.42 -26.94 4.22
C GLU A 137 29.34 -27.56 5.11
N ARG A 138 29.07 -28.85 4.89
CA ARG A 138 28.06 -29.58 5.68
C ARG A 138 28.71 -30.88 6.13
N PRO A 139 29.54 -30.83 7.17
CA PRO A 139 30.21 -32.05 7.65
C PRO A 139 29.28 -33.09 8.22
N SER A 140 29.67 -34.35 8.03
CA SER A 140 28.97 -35.52 8.50
C SER A 140 29.62 -35.95 9.80
N PHE A 141 28.83 -36.48 10.72
CA PHE A 141 29.34 -36.91 12.02
C PHE A 141 28.86 -38.32 12.34
N LYS A 142 29.72 -39.11 12.95
CA LYS A 142 29.33 -40.49 13.25
C LYS A 142 29.65 -41.00 14.65
N VAL A 143 28.92 -42.04 15.04
CA VAL A 143 29.17 -42.71 16.32
C VAL A 143 29.51 -44.17 15.99
N ASP A 144 30.26 -44.81 16.88
CA ASP A 144 30.66 -46.21 16.73
C ASP A 144 31.01 -46.72 18.12
N ALA A 145 31.62 -47.89 18.25
CA ALA A 145 31.93 -48.40 19.59
C ALA A 145 32.90 -47.51 20.38
N SER A 146 33.89 -46.93 19.69
CA SER A 146 34.85 -46.06 20.36
C SER A 146 34.27 -44.70 20.76
N LYS A 147 33.24 -44.23 20.05
CA LYS A 147 32.55 -42.93 20.33
C LYS A 147 31.07 -43.22 20.24
N PRO A 148 30.45 -43.64 21.35
CA PRO A 148 29.03 -43.98 21.42
C PRO A 148 27.97 -42.88 21.39
N GLY A 149 26.78 -43.28 20.93
CA GLY A 149 25.63 -42.39 20.87
C GLY A 149 24.40 -43.24 21.16
N SER A 150 24.25 -43.74 22.38
CA SER A 150 23.10 -44.58 22.73
C SER A 150 21.74 -43.98 22.42
N ALA A 151 21.50 -42.74 22.84
CA ALA A 151 20.21 -42.11 22.57
C ALA A 151 19.88 -42.00 21.06
N VAL A 152 20.80 -41.47 20.27
CA VAL A 152 20.53 -41.30 18.85
C VAL A 152 20.45 -42.64 18.10
N CYS A 153 21.24 -43.62 18.52
CA CYS A 153 21.18 -44.94 17.87
C CYS A 153 19.86 -45.65 18.18
N ALA A 154 19.46 -45.60 19.44
CA ALA A 154 18.21 -46.20 19.90
C ALA A 154 16.98 -45.44 19.36
N SER A 155 17.07 -44.10 19.30
CA SER A 155 15.95 -43.33 18.76
C SER A 155 15.78 -43.72 17.29
N THR A 156 16.89 -43.93 16.60
CA THR A 156 16.84 -44.33 15.20
C THR A 156 16.29 -45.76 15.04
N ALA A 157 16.70 -46.65 15.93
CA ALA A 157 16.20 -48.02 15.92
C ALA A 157 14.67 -48.01 16.14
N ALA A 158 14.19 -47.17 17.04
CA ALA A 158 12.75 -47.06 17.32
C ALA A 158 12.02 -46.60 16.05
N SER A 159 12.59 -45.60 15.36
CA SER A 159 11.98 -45.13 14.12
C SER A 159 11.92 -46.26 13.09
N LEU A 160 13.04 -46.96 12.91
CA LEU A 160 13.12 -48.06 11.93
C LEU A 160 12.19 -49.21 12.25
N ALA A 161 12.13 -49.59 13.53
CA ALA A 161 11.28 -50.69 13.96
C ALA A 161 9.79 -50.32 13.88
N SER A 162 9.43 -49.10 14.24
CA SER A 162 8.03 -48.66 14.13
C SER A 162 7.64 -48.55 12.64
N ALA A 163 8.58 -48.14 11.79
CA ALA A 163 8.30 -48.09 10.35
C ALA A 163 8.06 -49.54 9.89
N ALA A 164 8.83 -50.48 10.42
CA ALA A 164 8.67 -51.89 10.04
C ALA A 164 7.26 -52.38 10.39
N VAL A 165 6.79 -52.01 11.58
CA VAL A 165 5.43 -52.39 12.01
C VAL A 165 4.35 -51.88 11.05
N VAL A 166 4.39 -50.60 10.67
CA VAL A 166 3.37 -50.05 9.80
C VAL A 166 3.51 -50.35 8.30
N PHE A 167 4.70 -50.79 7.89
CA PHE A 167 4.94 -51.13 6.48
C PHE A 167 4.84 -52.63 6.20
N LYS A 168 4.92 -53.46 7.22
CA LYS A 168 4.90 -54.92 7.03
C LYS A 168 3.78 -55.48 6.12
N SER A 169 2.56 -54.95 6.26
CA SER A 169 1.44 -55.45 5.46
C SER A 169 1.57 -55.16 3.98
N SER A 170 1.99 -53.95 3.63
CA SER A 170 2.10 -53.58 2.22
C SER A 170 3.47 -53.76 1.58
N ASP A 171 4.52 -53.77 2.39
CA ASP A 171 5.86 -53.88 1.83
C ASP A 171 6.72 -54.62 2.84
N PRO A 172 6.48 -55.94 2.99
CA PRO A 172 7.21 -56.81 3.91
C PRO A 172 8.74 -56.81 3.76
N THR A 173 9.22 -56.59 2.54
CA THR A 173 10.66 -56.54 2.30
C THR A 173 11.28 -55.27 2.90
N TYR A 174 10.61 -54.14 2.74
CA TYR A 174 11.12 -52.90 3.33
C TYR A 174 11.06 -53.04 4.85
N ALA A 175 10.00 -53.66 5.36
CA ALA A 175 9.87 -53.84 6.80
C ALA A 175 11.06 -54.63 7.30
N GLU A 176 11.48 -55.65 6.55
CA GLU A 176 12.63 -56.46 6.95
C GLU A 176 13.90 -55.64 6.88
N LYS A 177 14.00 -54.78 5.87
CA LYS A 177 15.17 -53.91 5.69
C LYS A 177 15.30 -52.98 6.90
N CYS A 178 14.17 -52.40 7.32
CA CYS A 178 14.15 -51.51 8.48
C CYS A 178 14.55 -52.27 9.73
N ILE A 179 14.02 -53.47 9.91
CA ILE A 179 14.35 -54.28 11.08
C ILE A 179 15.84 -54.62 11.17
N SER A 180 16.44 -54.97 10.04
CA SER A 180 17.85 -55.33 10.02
C SER A 180 18.70 -54.18 10.56
N HIS A 181 18.44 -52.98 10.05
CA HIS A 181 19.16 -51.81 10.50
C HIS A 181 18.80 -51.38 11.92
N ALA A 182 17.54 -51.55 12.31
CA ALA A 182 17.12 -51.23 13.69
C ALA A 182 17.89 -52.12 14.66
N LYS A 183 18.00 -53.39 14.31
CA LYS A 183 18.71 -54.35 15.16
C LYS A 183 20.16 -53.97 15.36
N ASN A 184 20.81 -53.52 14.29
CA ASN A 184 22.20 -53.13 14.42
C ASN A 184 22.39 -51.87 15.28
N LEU A 185 21.54 -50.87 15.08
CA LEU A 185 21.63 -49.63 15.82
C LEU A 185 21.29 -49.84 17.28
N PHE A 186 20.30 -50.69 17.56
CA PHE A 186 19.95 -50.97 18.94
C PHE A 186 21.11 -51.71 19.63
N ASP A 187 21.72 -52.66 18.92
CA ASP A 187 22.85 -53.41 19.48
C ASP A 187 23.96 -52.41 19.85
N MET A 188 24.21 -51.47 18.95
CA MET A 188 25.23 -50.44 19.19
C MET A 188 24.89 -49.66 20.47
N ALA A 189 23.64 -49.21 20.58
CA ALA A 189 23.18 -48.43 21.73
C ALA A 189 23.22 -49.22 23.04
N ASP A 190 22.78 -50.46 22.97
CA ASP A 190 22.73 -51.34 24.15
C ASP A 190 24.13 -51.75 24.62
N LYS A 191 25.04 -52.01 23.68
CA LYS A 191 26.39 -52.38 24.08
C LYS A 191 27.08 -51.22 24.77
N ALA A 192 26.92 -50.03 24.20
CA ALA A 192 27.57 -48.83 24.70
C ALA A 192 27.06 -48.18 25.99
N LYS A 193 25.74 -48.04 26.11
CA LYS A 193 25.09 -47.39 27.26
C LYS A 193 25.81 -46.07 27.59
N SER A 194 25.92 -45.21 26.58
CA SER A 194 26.59 -43.93 26.71
C SER A 194 26.32 -43.01 25.53
N ASP A 195 26.26 -41.71 25.83
CA ASP A 195 26.08 -40.68 24.80
C ASP A 195 27.39 -39.90 24.65
N ALA A 196 28.48 -40.41 25.23
CA ALA A 196 29.77 -39.71 25.18
C ALA A 196 30.33 -39.31 23.82
N GLY A 197 30.00 -40.06 22.77
CA GLY A 197 30.48 -39.73 21.44
C GLY A 197 29.48 -38.91 20.61
N TYR A 198 28.32 -38.64 21.20
CA TYR A 198 27.26 -37.87 20.55
C TYR A 198 27.51 -36.40 20.95
N THR A 199 28.33 -35.72 20.17
CA THR A 199 28.72 -34.35 20.49
C THR A 199 28.45 -33.27 19.46
N ALA A 200 28.27 -33.63 18.19
CA ALA A 200 28.07 -32.63 17.15
C ALA A 200 26.80 -31.79 17.25
N ALA A 201 25.81 -32.28 18.00
CA ALA A 201 24.57 -31.52 18.18
C ALA A 201 24.61 -30.64 19.43
N SER A 202 25.78 -30.47 20.06
CA SER A 202 25.89 -29.65 21.28
C SER A 202 25.35 -28.25 21.08
N GLY A 203 24.50 -27.83 22.02
CA GLY A 203 23.87 -26.52 21.93
C GLY A 203 22.52 -26.58 21.26
N TYR A 204 22.25 -27.71 20.55
CA TYR A 204 20.97 -27.81 19.82
C TYR A 204 20.20 -29.03 20.30
N TYR A 205 20.83 -30.23 20.21
CA TYR A 205 20.08 -31.43 20.64
C TYR A 205 20.99 -32.34 21.48
N SER A 206 21.73 -31.74 22.44
CA SER A 206 22.52 -32.58 23.35
C SER A 206 21.54 -33.48 24.08
N SER A 207 21.95 -34.69 24.39
CA SER A 207 21.09 -35.67 25.06
C SER A 207 21.24 -35.71 26.58
N SER A 208 20.13 -35.67 27.30
CA SER A 208 20.18 -35.74 28.75
C SER A 208 19.78 -37.10 29.27
N SER A 209 19.53 -38.06 28.38
CA SER A 209 19.13 -39.39 28.83
C SER A 209 19.16 -40.39 27.68
N PHE A 210 19.48 -41.65 27.98
CA PHE A 210 19.46 -42.65 26.93
C PHE A 210 18.74 -43.94 27.32
N TYR A 211 18.48 -44.19 28.62
CA TYR A 211 17.78 -45.41 29.03
C TYR A 211 16.33 -45.37 28.59
N ASP A 212 15.79 -44.16 28.48
CA ASP A 212 14.45 -43.99 27.99
C ASP A 212 14.44 -44.42 26.50
N ASP A 213 15.45 -43.99 25.74
CA ASP A 213 15.56 -44.37 24.33
C ASP A 213 15.75 -45.88 24.16
N LEU A 214 16.53 -46.48 25.05
CA LEU A 214 16.75 -47.92 24.96
C LEU A 214 15.41 -48.65 25.15
N SER A 215 14.62 -48.23 26.14
CA SER A 215 13.30 -48.85 26.41
C SER A 215 12.35 -48.67 25.22
N TRP A 216 12.26 -47.48 24.70
CA TRP A 216 11.40 -47.06 23.57
C TRP A 216 11.79 -47.87 22.32
N ALA A 217 13.11 -48.00 22.04
CA ALA A 217 13.54 -48.79 20.90
C ALA A 217 13.24 -50.28 21.09
N ALA A 218 13.47 -50.77 22.31
CA ALA A 218 13.26 -52.19 22.62
C ALA A 218 11.77 -52.54 22.47
N VAL A 219 10.88 -51.64 22.87
CA VAL A 219 9.44 -51.85 22.72
C VAL A 219 9.08 -51.96 21.24
N TRP A 220 9.59 -51.05 20.43
CA TRP A 220 9.31 -51.09 19.01
C TRP A 220 9.96 -52.29 18.31
N LEU A 221 11.15 -52.69 18.75
CA LEU A 221 11.78 -53.87 18.14
C LEU A 221 10.94 -55.10 18.53
N TYR A 222 10.39 -55.10 19.74
CA TYR A 222 9.53 -56.22 20.16
C TYR A 222 8.28 -56.26 19.27
N LEU A 223 7.66 -55.11 19.04
CA LEU A 223 6.47 -55.09 18.17
C LEU A 223 6.81 -55.46 16.73
N ALA A 224 8.02 -55.13 16.28
CA ALA A 224 8.43 -55.44 14.91
C ALA A 224 8.86 -56.89 14.67
N THR A 225 9.47 -57.50 15.69
CA THR A 225 10.00 -58.86 15.57
C THR A 225 9.31 -59.95 16.37
N ASN A 226 8.59 -59.56 17.40
CA ASN A 226 7.91 -60.50 18.30
C ASN A 226 8.87 -61.36 19.11
N ASP A 227 10.12 -60.92 19.18
CA ASP A 227 11.18 -61.60 19.94
C ASP A 227 11.12 -61.01 21.35
N SER A 228 10.68 -61.81 22.32
CA SER A 228 10.55 -61.37 23.71
C SER A 228 11.87 -60.90 24.33
N THR A 229 12.99 -61.18 23.68
CA THR A 229 14.30 -60.74 24.15
C THR A 229 14.22 -59.22 24.31
N TYR A 230 13.55 -58.57 23.37
CA TYR A 230 13.41 -57.12 23.39
C TYR A 230 12.49 -56.61 24.47
N LEU A 231 11.40 -57.33 24.74
CA LEU A 231 10.48 -56.89 25.79
C LEU A 231 11.21 -56.97 27.13
N ASP A 232 11.97 -58.03 27.34
CA ASP A 232 12.71 -58.14 28.60
C ASP A 232 13.71 -57.00 28.74
N LYS A 233 14.38 -56.63 27.66
CA LYS A 233 15.33 -55.52 27.74
C LYS A 233 14.59 -54.22 28.03
N ALA A 234 13.47 -54.01 27.36
CA ALA A 234 12.66 -52.78 27.54
C ALA A 234 12.35 -52.55 29.02
N GLU A 235 11.90 -53.60 29.69
CA GLU A 235 11.56 -53.50 31.11
C GLU A 235 12.76 -53.38 32.03
N SER A 236 13.89 -53.96 31.62
CA SER A 236 15.11 -53.93 32.44
C SER A 236 15.70 -52.53 32.64
N TYR A 237 15.45 -51.62 31.69
CA TYR A 237 15.98 -50.25 31.77
C TYR A 237 15.15 -49.30 32.66
N VAL A 238 13.91 -49.69 32.96
CA VAL A 238 13.01 -48.86 33.78
C VAL A 238 13.61 -48.32 35.09
N PRO A 239 14.30 -49.17 35.87
CA PRO A 239 14.89 -48.68 37.11
C PRO A 239 15.94 -47.59 36.87
N ASN A 240 16.47 -47.54 35.64
CA ASN A 240 17.47 -46.56 35.26
C ASN A 240 16.91 -45.23 34.73
N TRP A 241 15.60 -45.17 34.47
CA TRP A 241 14.98 -43.93 34.01
C TRP A 241 15.07 -42.91 35.16
N GLY A 242 15.15 -41.64 34.80
CA GLY A 242 15.23 -40.60 35.81
C GLY A 242 13.99 -40.55 36.70
N LYS A 243 14.21 -40.24 37.98
CA LYS A 243 13.12 -40.14 38.94
C LYS A 243 12.66 -38.70 39.03
N GLU A 244 11.45 -38.47 39.56
CA GLU A 244 10.97 -37.10 39.72
C GLU A 244 11.80 -36.46 40.84
N GLN A 245 12.24 -35.23 40.65
CA GLN A 245 13.06 -34.55 41.68
C GLN A 245 12.37 -34.61 43.04
N GLN A 246 13.12 -35.06 44.06
CA GLN A 246 12.65 -35.19 45.44
C GLN A 246 11.90 -36.48 45.76
N THR A 247 11.95 -37.46 44.86
CA THR A 247 11.24 -38.71 45.05
C THR A 247 11.98 -39.90 44.46
N ASP A 248 11.41 -41.09 44.67
CA ASP A 248 11.96 -42.33 44.14
C ASP A 248 10.90 -42.87 43.16
N ILE A 249 10.17 -41.94 42.53
CA ILE A 249 9.09 -42.26 41.59
C ILE A 249 9.54 -41.91 40.18
N ILE A 250 9.14 -42.71 39.21
CA ILE A 250 9.48 -42.45 37.81
C ILE A 250 8.98 -41.05 37.46
N ALA A 251 9.85 -40.26 36.81
CA ALA A 251 9.52 -38.89 36.42
C ALA A 251 8.16 -38.78 35.75
N TYR A 252 7.40 -37.77 36.11
CA TYR A 252 6.08 -37.59 35.51
C TYR A 252 5.69 -36.16 35.25
N LYS A 253 6.55 -35.20 35.60
CA LYS A 253 6.20 -33.80 35.44
C LYS A 253 6.62 -33.12 34.13
N TRP A 254 7.11 -33.90 33.17
CA TRP A 254 7.46 -33.34 31.86
C TRP A 254 6.54 -33.98 30.83
N GLY A 255 6.99 -34.17 29.60
CA GLY A 255 6.13 -34.79 28.61
C GLY A 255 6.97 -35.44 27.53
N GLN A 256 6.33 -36.27 26.72
CA GLN A 256 7.00 -36.97 25.61
C GLN A 256 7.65 -35.93 24.69
N TRP A 258 11.63 -35.22 22.06
CA TRP A 258 12.79 -35.85 21.39
C TRP A 258 13.86 -36.27 22.40
N ASP A 259 13.96 -35.60 23.56
CA ASP A 259 14.99 -35.90 24.54
C ASP A 259 14.51 -36.86 25.62
N ASP A 260 13.20 -37.05 25.69
CA ASP A 260 12.60 -37.91 26.71
C ASP A 260 11.42 -38.68 26.16
N VAL A 261 11.66 -39.96 25.90
CA VAL A 261 10.62 -40.82 25.36
C VAL A 261 10.13 -41.88 26.35
N HIS A 262 10.44 -41.73 27.65
CA HIS A 262 9.98 -42.74 28.62
C HIS A 262 8.45 -42.70 28.80
N TYR A 263 7.85 -41.56 28.44
CA TYR A 263 6.41 -41.40 28.52
C TYR A 263 5.75 -42.35 27.51
N GLY A 264 6.24 -42.32 26.27
CA GLY A 264 5.68 -43.21 25.26
C GLY A 264 6.03 -44.67 25.55
N ALA A 265 7.26 -44.91 26.03
CA ALA A 265 7.68 -46.28 26.32
C ALA A 265 6.82 -46.90 27.42
N GLU A 266 6.51 -46.12 28.46
CA GLU A 266 5.74 -46.67 29.58
C GLU A 266 4.28 -46.86 29.20
N LEU A 267 3.76 -45.98 28.34
CA LEU A 267 2.40 -46.12 27.85
C LEU A 267 2.32 -47.47 27.10
N LEU A 268 3.26 -47.67 26.18
CA LEU A 268 3.29 -48.90 25.41
C LEU A 268 3.52 -50.12 26.30
N LEU A 269 4.39 -50.02 27.30
CA LEU A 269 4.64 -51.17 28.17
C LEU A 269 3.36 -51.49 28.96
N ALA A 270 2.58 -50.46 29.31
CA ALA A 270 1.33 -50.69 30.04
C ALA A 270 0.39 -51.52 29.16
N LYS A 271 0.25 -51.13 27.89
CA LYS A 271 -0.63 -51.84 26.96
C LYS A 271 -0.13 -53.25 26.67
N LEU A 272 1.19 -53.42 26.57
CA LEU A 272 1.78 -54.73 26.29
C LEU A 272 1.83 -55.72 27.45
N THR A 273 1.99 -55.22 28.67
CA THR A 273 2.13 -56.12 29.82
C THR A 273 1.02 -56.05 30.87
N ASN A 274 0.28 -54.94 30.85
CA ASN A 274 -0.78 -54.65 31.83
C ASN A 274 -0.20 -54.55 33.25
N LYS A 275 1.11 -54.34 33.38
CA LYS A 275 1.72 -54.23 34.70
C LYS A 275 1.32 -52.90 35.34
N GLN A 276 0.98 -52.95 36.62
CA GLN A 276 0.54 -51.75 37.33
C GLN A 276 1.56 -50.62 37.35
N LEU A 277 2.85 -50.96 37.42
CA LEU A 277 3.90 -49.96 37.46
C LEU A 277 3.78 -48.98 36.28
N TYR A 278 3.58 -49.53 35.09
CA TYR A 278 3.45 -48.70 33.90
C TYR A 278 2.14 -47.94 33.87
N LYS A 279 1.06 -48.60 34.29
CA LYS A 279 -0.25 -47.94 34.28
C LYS A 279 -0.23 -46.75 35.24
N ASP A 280 0.33 -46.94 36.42
CA ASP A 280 0.44 -45.87 37.41
C ASP A 280 1.30 -44.71 36.94
N SER A 281 2.41 -45.04 36.27
CA SER A 281 3.36 -44.04 35.80
C SER A 281 2.79 -43.14 34.72
N ILE A 282 2.13 -43.73 33.72
CA ILE A 282 1.56 -42.94 32.64
C ILE A 282 0.33 -42.15 33.14
N GLU A 283 -0.44 -42.73 34.04
CA GLU A 283 -1.60 -41.98 34.56
C GLU A 283 -1.13 -40.84 35.48
N MET A 284 -0.01 -41.02 36.14
CA MET A 284 0.51 -39.96 36.99
C MET A 284 0.90 -38.79 36.09
N ASN A 285 1.53 -39.08 34.96
CA ASN A 285 1.90 -38.03 34.00
C ASN A 285 0.65 -37.36 33.39
N LEU A 286 -0.28 -38.18 32.92
CA LEU A 286 -1.49 -37.63 32.32
C LEU A 286 -2.33 -36.87 33.36
N ASP A 287 -2.38 -37.36 34.59
CA ASP A 287 -3.14 -36.63 35.63
C ASP A 287 -2.48 -35.27 35.93
N PHE A 288 -1.15 -35.25 36.01
CA PHE A 288 -0.42 -34.01 36.25
C PHE A 288 -0.82 -32.95 35.21
N TRP A 289 -0.98 -33.41 33.97
CA TRP A 289 -1.34 -32.55 32.85
C TRP A 289 -2.80 -32.15 32.73
N THR A 290 -3.67 -32.83 33.49
CA THR A 290 -5.09 -32.58 33.40
C THR A 290 -5.75 -32.11 34.71
N THR A 291 -6.12 -33.05 35.57
CA THR A 291 -6.75 -32.74 36.85
C THR A 291 -5.75 -32.26 37.89
N GLY A 292 -4.49 -32.67 37.71
CA GLY A 292 -3.44 -32.39 38.65
C GLY A 292 -3.29 -33.68 39.45
N VAL A 293 -2.19 -33.85 40.16
CA VAL A 293 -1.97 -35.05 40.96
C VAL A 293 -1.09 -34.77 42.18
N ASN A 294 -1.43 -35.39 43.31
CA ASN A 294 -0.68 -35.21 44.56
C ASN A 294 -0.40 -33.73 44.87
N GLY A 295 -1.40 -32.87 44.65
CA GLY A 295 -1.27 -31.44 44.89
C GLY A 295 -0.52 -30.61 43.84
N THR A 296 -0.05 -31.25 42.77
CA THR A 296 0.69 -30.56 41.71
C THR A 296 -0.05 -30.65 40.37
N ARG A 297 0.24 -29.70 39.48
CA ARG A 297 -0.42 -29.66 38.17
C ARG A 297 0.39 -28.78 37.21
N VAL A 298 0.43 -29.18 35.94
CA VAL A 298 1.13 -28.40 34.92
C VAL A 298 0.40 -27.05 34.88
N SER A 299 1.12 -25.97 34.63
CA SER A 299 0.45 -24.67 34.56
C SER A 299 -0.45 -24.59 33.32
N TYR A 300 -1.54 -23.82 33.45
CA TYR A 300 -2.46 -23.61 32.35
C TYR A 300 -2.54 -22.12 32.11
N THR A 301 -2.59 -21.71 30.85
CA THR A 301 -2.70 -20.30 30.54
C THR A 301 -4.18 -19.93 30.74
N PRO A 302 -4.46 -18.63 30.88
CA PRO A 302 -5.86 -18.22 31.07
C PRO A 302 -6.82 -18.72 29.99
N LYS A 303 -6.33 -18.86 28.75
CA LYS A 303 -7.18 -19.34 27.66
C LYS A 303 -7.21 -20.87 27.45
N GLY A 304 -6.55 -21.64 28.37
CA GLY A 304 -6.83 -23.08 28.39
C GLY A 304 -5.63 -23.89 27.88
N LEU A 305 -4.43 -23.32 27.59
CA LEU A 305 -3.27 -24.09 27.13
C LEU A 305 -2.50 -24.71 28.28
N ALA A 306 -2.33 -26.03 28.27
CA ALA A 306 -1.52 -26.70 29.29
C ALA A 306 -0.09 -26.26 28.88
N TRP A 307 0.53 -25.44 29.71
CA TRP A 307 1.83 -24.83 29.44
C TRP A 307 2.97 -25.40 30.24
N LEU A 308 3.86 -26.10 29.54
CA LEU A 308 4.99 -26.76 30.19
C LEU A 308 6.29 -25.97 30.24
N PHE A 309 6.54 -25.22 29.17
CA PHE A 309 7.83 -24.56 29.04
C PHE A 309 7.75 -23.46 27.99
N GLN A 310 8.68 -22.52 28.09
CA GLN A 310 8.78 -21.36 27.21
C GLN A 310 8.95 -21.73 25.73
N TRP A 311 9.83 -22.68 25.44
CA TRP A 311 10.10 -23.12 24.07
C TRP A 311 9.16 -24.23 23.63
N GLY A 312 8.46 -24.00 22.52
CA GLY A 312 7.55 -24.99 21.98
C GLY A 312 6.45 -25.42 22.94
N SER A 313 5.70 -24.47 23.47
CA SER A 313 4.62 -24.78 24.39
C SER A 313 3.54 -25.60 23.67
N LEU A 314 3.25 -25.27 22.42
CA LEU A 314 2.24 -26.00 21.64
C LEU A 314 2.73 -27.42 21.32
N ARG A 315 4.02 -27.53 21.03
CA ARG A 315 4.64 -28.84 20.77
C ARG A 315 4.39 -29.76 21.98
N HIS A 316 4.66 -29.27 23.19
CA HIS A 316 4.45 -30.09 24.37
C HIS A 316 3.00 -30.48 24.60
N ALA A 317 2.11 -29.49 24.55
CA ALA A 317 0.69 -29.72 24.78
C ALA A 317 0.03 -30.63 23.76
N THR A 318 0.34 -30.45 22.47
CA THR A 318 -0.23 -31.30 21.43
C THR A 318 0.35 -32.73 21.46
N THR A 319 1.58 -32.88 21.94
CA THR A 319 2.17 -34.21 22.05
C THR A 319 1.49 -34.96 23.21
N GLN A 320 1.31 -34.27 24.33
CA GLN A 320 0.63 -34.90 25.47
C GLN A 320 -0.80 -35.22 25.10
N ALA A 321 -1.41 -34.39 24.25
CA ALA A 321 -2.78 -34.63 23.79
C ALA A 321 -2.83 -35.98 23.08
N PHE A 322 -1.83 -36.24 22.24
CA PHE A 322 -1.76 -37.51 21.51
C PHE A 322 -1.66 -38.71 22.46
N LEU A 323 -0.78 -38.63 23.46
CA LEU A 323 -0.62 -39.73 24.40
C LEU A 323 -1.91 -39.93 25.19
N ALA A 324 -2.54 -38.82 25.60
CA ALA A 324 -3.80 -38.92 26.34
C ALA A 324 -4.85 -39.64 25.49
N GLY A 325 -4.89 -39.31 24.19
CA GLY A 325 -5.84 -39.95 23.29
C GLY A 325 -5.61 -41.45 23.16
N VAL A 326 -4.35 -41.85 22.97
CA VAL A 326 -4.01 -43.26 22.86
C VAL A 326 -4.36 -44.01 24.13
N TYR A 327 -3.88 -43.50 25.26
CA TYR A 327 -4.14 -44.14 26.53
C TYR A 327 -5.63 -44.25 26.88
N ALA A 328 -6.39 -43.18 26.62
CA ALA A 328 -7.83 -43.17 26.90
C ALA A 328 -8.59 -44.27 26.14
N GLU A 329 -8.07 -44.68 24.98
CA GLU A 329 -8.72 -45.71 24.17
C GLU A 329 -8.44 -47.14 24.65
N TRP A 330 -7.39 -47.30 25.44
CA TRP A 330 -7.02 -48.61 25.96
C TRP A 330 -7.95 -49.07 27.06
N GLU A 331 -8.38 -50.34 26.98
CA GLU A 331 -9.26 -50.96 27.96
C GLU A 331 -8.73 -50.86 29.40
N GLY A 332 -7.41 -50.78 29.55
CA GLY A 332 -6.81 -50.68 30.87
C GLY A 332 -6.84 -49.33 31.57
N CYS A 333 -7.21 -48.26 30.87
CA CYS A 333 -7.27 -46.92 31.44
C CYS A 333 -8.34 -46.88 32.54
N THR A 334 -8.06 -46.19 33.64
CA THR A 334 -9.05 -46.06 34.72
C THR A 334 -10.30 -45.49 34.03
N PRO A 335 -11.45 -46.20 34.12
CA PRO A 335 -12.68 -45.72 33.45
C PRO A 335 -13.07 -44.25 33.65
N SER A 336 -12.95 -43.74 34.87
CA SER A 336 -13.31 -42.37 35.17
C SER A 336 -12.43 -41.31 34.51
N LYS A 337 -11.25 -41.72 34.05
CA LYS A 337 -10.31 -40.79 33.43
C LYS A 337 -10.41 -40.72 31.90
N VAL A 338 -11.08 -41.69 31.31
CA VAL A 338 -11.24 -41.73 29.87
C VAL A 338 -11.80 -40.41 29.33
N SER A 339 -12.90 -39.92 29.92
CA SER A 339 -13.50 -38.67 29.47
C SER A 339 -12.61 -37.45 29.76
N VAL A 340 -11.86 -37.52 30.86
CA VAL A 340 -10.97 -36.43 31.25
C VAL A 340 -9.85 -36.30 30.21
N TYR A 341 -9.24 -37.44 29.90
CA TYR A 341 -8.15 -37.48 28.93
C TYR A 341 -8.63 -37.11 27.53
N LYS A 342 -9.81 -37.58 27.13
CA LYS A 342 -10.34 -37.24 25.81
C LYS A 342 -10.69 -35.76 25.73
N ASP A 343 -11.21 -35.18 26.82
CA ASP A 343 -11.54 -33.74 26.81
C ASP A 343 -10.25 -32.93 26.66
N PHE A 344 -9.17 -33.43 27.27
CA PHE A 344 -7.87 -32.79 27.23
C PHE A 344 -7.33 -32.81 25.80
N LEU A 345 -7.44 -33.96 25.14
CA LEU A 345 -6.99 -34.08 23.76
C LEU A 345 -7.69 -33.04 22.91
N LYS A 346 -9.01 -32.91 23.08
CA LYS A 346 -9.74 -31.93 22.29
C LYS A 346 -9.40 -30.49 22.64
N SER A 347 -9.34 -30.15 23.93
CA SER A 347 -9.07 -28.78 24.31
C SER A 347 -7.70 -28.28 23.82
N GLN A 348 -6.69 -29.14 23.92
CA GLN A 348 -5.35 -28.75 23.50
C GLN A 348 -5.23 -28.61 21.98
N ILE A 349 -5.82 -29.56 21.25
CA ILE A 349 -5.77 -29.48 19.80
C ILE A 349 -6.57 -28.26 19.33
N ASP A 350 -7.69 -27.99 19.99
CA ASP A 350 -8.52 -26.83 19.59
C ASP A 350 -7.80 -25.51 19.85
N TYR A 351 -6.97 -25.48 20.89
CA TYR A 351 -6.21 -24.26 21.19
C TYR A 351 -5.26 -24.01 20.02
N ALA A 352 -4.62 -25.08 19.53
CA ALA A 352 -3.70 -24.96 18.41
C ALA A 352 -4.39 -24.57 17.12
N LEU A 353 -5.61 -25.06 16.92
CA LEU A 353 -6.33 -24.80 15.68
C LEU A 353 -7.12 -23.49 15.66
N GLY A 354 -7.52 -22.98 16.82
CA GLY A 354 -8.26 -21.74 16.77
C GLY A 354 -9.18 -21.33 17.89
N SER A 355 -9.16 -22.01 19.04
CA SER A 355 -10.05 -21.62 20.13
C SER A 355 -9.80 -20.23 20.73
N THR A 356 -8.61 -19.67 20.52
CA THR A 356 -8.33 -18.32 21.04
C THR A 356 -8.73 -17.25 20.02
N GLY A 357 -9.26 -17.70 18.88
CA GLY A 357 -9.67 -16.76 17.85
C GLY A 357 -8.77 -16.76 16.60
N ARG A 358 -7.60 -17.38 16.72
CA ARG A 358 -6.68 -17.47 15.59
C ARG A 358 -5.96 -18.82 15.60
N SER A 359 -5.53 -19.26 14.43
CA SER A 359 -4.82 -20.52 14.25
C SER A 359 -3.31 -20.36 14.48
N PHE A 360 -2.70 -21.42 15.04
CA PHE A 360 -1.26 -21.44 15.27
C PHE A 360 -0.61 -22.38 14.27
N VAL A 361 -1.39 -22.76 13.25
CA VAL A 361 -0.93 -23.65 12.18
C VAL A 361 -0.81 -22.84 10.88
N VAL A 362 0.39 -22.78 10.33
CA VAL A 362 0.64 -22.01 9.10
C VAL A 362 -0.26 -22.47 7.94
N GLY A 363 -0.89 -21.51 7.26
CA GLY A 363 -1.75 -21.83 6.13
C GLY A 363 -3.00 -22.61 6.47
N TYR A 364 -3.50 -22.44 7.68
CA TYR A 364 -4.70 -23.14 8.11
C TYR A 364 -5.52 -22.26 9.02
N GLY A 365 -6.84 -22.36 8.88
CA GLY A 365 -7.73 -21.62 9.77
C GLY A 365 -7.77 -20.12 9.68
N VAL A 366 -8.21 -19.51 10.77
CA VAL A 366 -8.35 -18.06 10.88
C VAL A 366 -7.07 -17.36 11.30
N ASN A 367 -6.67 -16.34 10.55
CA ASN A 367 -5.47 -15.56 10.86
C ASN A 367 -4.28 -16.44 11.30
N PRO A 368 -3.85 -17.39 10.44
CA PRO A 368 -2.70 -18.25 10.79
C PRO A 368 -1.40 -17.44 10.79
N PRO A 369 -0.34 -17.99 11.45
CA PRO A 369 0.94 -17.26 11.49
C PRO A 369 1.44 -17.06 10.06
N GLN A 370 2.02 -15.89 9.82
CA GLN A 370 2.52 -15.54 8.51
C GLN A 370 4.01 -15.30 8.49
N HIS A 371 4.63 -15.31 9.67
CA HIS A 371 6.06 -15.09 9.72
C HIS A 371 6.85 -16.14 10.52
N PRO A 372 6.61 -17.44 10.27
CA PRO A 372 7.38 -18.44 11.04
C PRO A 372 8.89 -18.35 10.80
N HIS A 373 9.71 -18.61 11.82
CA HIS A 373 11.16 -18.54 11.68
C HIS A 373 11.59 -19.75 10.84
N HIS A 374 11.66 -19.54 9.52
CA HIS A 374 12.00 -20.63 8.60
C HIS A 374 12.65 -20.02 7.37
N ARG A 375 13.87 -20.43 7.11
CA ARG A 375 14.64 -19.89 5.98
C ARG A 375 14.04 -20.11 4.59
N THR A 376 13.74 -21.36 4.28
CA THR A 376 13.25 -21.67 2.94
C THR A 376 11.84 -21.15 2.63
N ALA A 377 10.95 -21.18 3.63
CA ALA A 377 9.59 -20.65 3.42
C ALA A 377 9.65 -19.13 3.25
N HIS A 378 10.54 -18.46 3.98
CA HIS A 378 10.66 -17.00 3.87
C HIS A 378 11.21 -16.67 2.47
N GLY A 379 12.31 -17.31 2.12
CA GLY A 379 12.88 -17.08 0.79
C GLY A 379 13.63 -15.78 0.57
N SER A 380 14.46 -15.38 1.54
CA SER A 380 15.25 -14.18 1.33
C SER A 380 16.28 -14.47 0.23
N TRP A 381 16.63 -13.46 -0.55
CA TRP A 381 17.65 -13.65 -1.57
C TRP A 381 18.87 -12.77 -1.27
N THR A 382 18.85 -12.14 -0.09
CA THR A 382 19.91 -11.22 0.35
C THR A 382 20.54 -11.55 1.70
N ASP A 383 20.30 -12.77 2.20
CA ASP A 383 20.83 -13.21 3.50
C ASP A 383 20.33 -12.23 4.58
N GLN A 384 19.04 -11.97 4.57
CA GLN A 384 18.40 -11.09 5.54
C GLN A 384 17.05 -11.62 6.02
N MET A 385 16.89 -11.78 7.32
CA MET A 385 15.60 -12.21 7.86
C MET A 385 14.56 -11.12 7.61
N THR A 386 15.01 -9.88 7.53
CA THR A 386 14.16 -8.71 7.35
C THR A 386 13.59 -8.42 5.97
N SER A 387 14.12 -9.08 4.93
CA SER A 387 13.67 -8.86 3.56
C SER A 387 13.63 -10.13 2.72
N PRO A 388 12.51 -10.37 2.00
CA PRO A 388 11.34 -9.48 1.98
C PRO A 388 10.63 -9.42 3.33
N THR A 389 9.71 -8.47 3.49
CA THR A 389 8.98 -8.32 4.74
C THR A 389 7.79 -9.27 4.90
N TYR A 390 7.65 -10.22 3.99
CA TYR A 390 6.59 -11.22 4.03
C TYR A 390 7.23 -12.53 3.56
N HIS A 391 6.65 -13.67 3.91
CA HIS A 391 7.21 -14.95 3.45
C HIS A 391 6.82 -15.20 2.00
N ARG A 392 7.77 -15.59 1.17
CA ARG A 392 7.45 -15.85 -0.22
C ARG A 392 6.64 -17.14 -0.43
N HIS A 393 6.69 -18.04 0.55
CA HIS A 393 6.00 -19.33 0.46
C HIS A 393 5.18 -19.61 1.70
N THR A 394 4.17 -20.46 1.52
CA THR A 394 3.29 -20.86 2.61
C THR A 394 3.64 -22.30 2.98
N ILE A 395 4.23 -22.47 4.15
CA ILE A 395 4.63 -23.79 4.61
C ILE A 395 3.48 -24.42 5.37
N TYR A 396 2.50 -24.88 4.61
CA TYR A 396 1.28 -25.48 5.17
C TYR A 396 1.47 -26.52 6.23
N GLY A 397 0.64 -26.44 7.26
CA GLY A 397 0.66 -27.42 8.34
C GLY A 397 1.60 -27.23 9.50
N ALA A 398 2.61 -26.38 9.34
CA ALA A 398 3.58 -26.11 10.42
C ALA A 398 2.94 -25.51 11.67
N LEU A 399 3.15 -26.18 12.80
CA LEU A 399 2.67 -25.72 14.11
C LEU A 399 3.77 -24.84 14.75
N VAL A 400 3.50 -23.54 14.94
CA VAL A 400 4.52 -22.67 15.55
C VAL A 400 4.78 -23.01 17.02
N GLY A 401 5.89 -22.50 17.56
CA GLY A 401 6.26 -22.77 18.94
C GLY A 401 5.11 -22.63 19.92
N GLY A 402 4.49 -21.46 19.91
CA GLY A 402 3.36 -21.25 20.80
C GLY A 402 3.54 -20.06 21.72
N PRO A 403 2.47 -19.69 22.43
CA PRO A 403 2.46 -18.55 23.36
C PRO A 403 3.20 -18.74 24.68
N ASP A 404 3.37 -17.62 25.39
CA ASP A 404 4.00 -17.67 26.70
C ASP A 404 2.90 -18.12 27.67
N ASN A 405 3.25 -18.13 28.95
CA ASN A 405 2.36 -18.55 30.04
C ASN A 405 1.09 -17.73 30.17
N ALA A 406 1.04 -16.55 29.54
CA ALA A 406 -0.13 -15.69 29.62
C ALA A 406 -0.82 -15.51 28.27
N ASP A 407 -0.63 -16.51 27.39
CA ASP A 407 -1.21 -16.51 26.04
C ASP A 407 -0.63 -15.46 25.11
N GLY A 408 0.44 -14.78 25.55
CA GLY A 408 1.08 -13.78 24.72
C GLY A 408 1.78 -14.45 23.55
N TYR A 409 1.72 -13.85 22.38
CA TYR A 409 2.33 -14.42 21.18
C TYR A 409 2.58 -13.33 20.13
N THR A 410 3.79 -13.34 19.56
CA THR A 410 4.15 -12.35 18.56
C THR A 410 4.60 -13.08 17.30
N ASP A 411 3.84 -12.92 16.21
CA ASP A 411 4.15 -13.58 14.94
C ASP A 411 5.21 -12.77 14.20
N GLU A 412 6.47 -12.97 14.56
CA GLU A 412 7.59 -12.27 13.95
C GLU A 412 8.62 -13.29 13.55
N ILE A 413 9.29 -13.04 12.43
CA ILE A 413 10.29 -14.00 11.93
C ILE A 413 11.51 -14.22 12.84
N ASN A 414 11.90 -13.21 13.61
CA ASN A 414 13.08 -13.33 14.48
C ASN A 414 12.82 -14.00 15.82
N ASN A 415 11.54 -14.22 16.14
CA ASN A 415 11.16 -14.84 17.40
C ASN A 415 11.24 -16.37 17.29
N TYR A 416 12.44 -16.93 17.42
CA TYR A 416 12.56 -18.39 17.32
C TYR A 416 12.14 -19.15 18.56
N VAL A 417 11.94 -18.44 19.67
CA VAL A 417 11.51 -19.13 20.89
C VAL A 417 10.05 -19.52 20.79
N ASN A 418 9.21 -18.57 20.36
CA ASN A 418 7.78 -18.82 20.24
C ASN A 418 7.25 -18.95 18.82
N ASN A 419 8.10 -18.65 17.83
CA ASN A 419 7.65 -18.69 16.45
C ASN A 419 8.44 -19.54 15.47
N GLU A 420 9.21 -20.50 15.96
CA GLU A 420 9.90 -21.34 15.00
C GLU A 420 8.99 -22.54 14.75
N ILE A 421 9.31 -23.31 13.72
CA ILE A 421 8.54 -24.49 13.38
C ILE A 421 9.59 -25.59 13.22
N ALA A 422 9.19 -26.83 13.51
CA ALA A 422 10.17 -27.93 13.49
C ALA A 422 9.53 -29.30 13.37
N CYS A 423 10.32 -30.28 12.93
CA CYS A 423 9.84 -31.65 12.78
C CYS A 423 9.18 -32.17 14.05
N ASP A 424 9.89 -32.06 15.17
CA ASP A 424 9.34 -32.55 16.42
C ASP A 424 8.07 -31.83 16.88
N TYR A 425 7.92 -30.55 16.50
CA TYR A 425 6.73 -29.80 16.89
C TYR A 425 5.47 -30.42 16.29
N ASN A 426 5.57 -30.88 15.04
CA ASN A 426 4.41 -31.47 14.38
C ASN A 426 4.23 -32.98 14.58
N ALA A 427 5.16 -33.64 15.24
CA ALA A 427 5.08 -35.09 15.39
C ALA A 427 3.87 -35.63 16.16
N GLY A 428 3.82 -35.34 17.46
CA GLY A 428 2.70 -35.77 18.28
C GLY A 428 1.41 -35.12 17.81
N PHE A 429 1.52 -33.86 17.36
CA PHE A 429 0.40 -33.07 16.84
C PHE A 429 -0.32 -33.84 15.76
N THR A 430 0.44 -34.41 14.83
CA THR A 430 -0.14 -35.18 13.73
C THR A 430 -0.99 -36.35 14.27
N GLY A 431 -0.48 -37.07 15.25
CA GLY A 431 -1.24 -38.19 15.82
C GLY A 431 -2.52 -37.75 16.55
N ALA A 432 -2.46 -36.63 17.25
CA ALA A 432 -3.63 -36.10 17.97
C ALA A 432 -4.67 -35.64 16.94
N LEU A 433 -4.22 -35.08 15.83
CA LEU A 433 -5.14 -34.63 14.79
C LEU A 433 -5.88 -35.83 14.16
N ALA A 434 -5.15 -36.94 13.96
CA ALA A 434 -5.77 -38.15 13.38
C ALA A 434 -6.91 -38.62 14.29
N LYS A 435 -6.68 -38.55 15.61
CA LYS A 435 -7.70 -38.94 16.58
C LYS A 435 -8.89 -37.98 16.60
N MET A 436 -8.63 -36.69 16.47
CA MET A 436 -9.73 -35.73 16.46
C MET A 436 -10.53 -35.91 15.16
N TYR A 437 -9.85 -36.20 14.05
CA TYR A 437 -10.52 -36.41 12.78
C TYR A 437 -11.45 -37.62 12.84
N LYS A 438 -10.96 -38.73 13.39
CA LYS A 438 -11.78 -39.92 13.45
C LYS A 438 -13.01 -39.71 14.34
N HIS A 439 -12.86 -38.79 15.30
CA HIS A 439 -13.95 -38.49 16.22
C HIS A 439 -14.92 -37.41 15.74
N SER A 440 -14.40 -36.29 15.25
CA SER A 440 -15.24 -35.17 14.82
C SER A 440 -15.26 -34.81 13.33
N GLY A 441 -14.42 -35.47 12.53
CA GLY A 441 -14.40 -35.20 11.11
C GLY A 441 -13.80 -33.89 10.62
N GLY A 442 -14.28 -33.47 9.50
CA GLY A 442 -13.76 -32.31 8.79
C GLY A 442 -12.99 -32.78 7.57
N ASP A 443 -13.55 -32.57 6.40
CA ASP A 443 -12.96 -33.11 5.17
C ASP A 443 -11.68 -32.44 4.69
N PRO A 444 -10.68 -33.24 4.27
CA PRO A 444 -9.43 -32.68 3.78
C PRO A 444 -9.74 -32.01 2.44
N ILE A 445 -8.91 -31.07 2.02
CA ILE A 445 -9.10 -30.41 0.71
C ILE A 445 -8.76 -31.48 -0.35
N PRO A 446 -9.66 -31.71 -1.32
CA PRO A 446 -9.40 -32.71 -2.35
C PRO A 446 -8.19 -32.34 -3.23
N ASN A 447 -7.38 -33.33 -3.57
CA ASN A 447 -6.23 -33.15 -4.46
C ASN A 447 -5.40 -31.91 -4.11
N PHE A 448 -5.12 -31.75 -2.81
CA PHE A 448 -4.37 -30.59 -2.33
C PHE A 448 -2.91 -30.56 -2.75
N LYS A 449 -2.53 -29.43 -3.34
CA LYS A 449 -1.16 -29.22 -3.77
C LYS A 449 -0.74 -27.82 -3.31
N ALA A 450 0.55 -27.55 -3.41
CA ALA A 450 1.09 -26.26 -3.01
C ALA A 450 1.87 -25.65 -4.17
N ILE A 451 1.21 -25.54 -5.33
CA ILE A 451 1.83 -24.94 -6.51
C ILE A 451 1.43 -23.49 -6.42
N GLU A 452 2.42 -22.67 -6.11
CA GLU A 452 2.21 -21.24 -5.91
C GLU A 452 2.38 -20.36 -7.13
N LYS A 453 1.68 -19.23 -7.10
CA LYS A 453 1.78 -18.23 -8.14
C LYS A 453 3.15 -17.55 -7.89
N ILE A 454 3.89 -17.28 -8.96
CA ILE A 454 5.17 -16.58 -8.84
C ILE A 454 4.79 -15.16 -8.44
N THR A 455 5.23 -14.72 -7.27
CA THR A 455 4.86 -13.39 -6.80
C THR A 455 5.84 -12.26 -7.05
N ASN A 456 7.02 -12.57 -7.58
CA ASN A 456 7.98 -11.53 -7.95
C ASN A 456 8.77 -12.01 -9.15
N ASP A 457 9.20 -11.08 -10.00
CA ASP A 457 10.00 -11.45 -11.16
C ASP A 457 11.28 -12.09 -10.63
N GLU A 458 11.51 -13.34 -11.02
CA GLU A 458 12.65 -14.11 -10.54
C GLU A 458 14.04 -13.63 -10.86
N VAL A 459 14.21 -13.04 -12.05
CA VAL A 459 15.49 -12.49 -12.46
C VAL A 459 15.16 -11.13 -13.08
N ILE A 460 15.76 -10.07 -12.55
CA ILE A 460 15.50 -8.73 -13.06
C ILE A 460 16.77 -7.97 -13.37
N ILE A 461 16.63 -6.83 -14.03
CA ILE A 461 17.77 -6.01 -14.33
C ILE A 461 17.41 -4.56 -14.02
N LYS A 462 18.36 -3.85 -13.43
CA LYS A 462 18.21 -2.44 -13.11
C LYS A 462 19.29 -1.73 -13.90
N ALA A 463 19.03 -0.51 -14.34
CA ALA A 463 20.05 0.18 -15.11
C ALA A 463 19.92 1.68 -14.99
N GLY A 464 20.99 2.37 -15.41
CA GLY A 464 21.03 3.82 -15.37
C GLY A 464 22.12 4.34 -16.28
N LEU A 465 22.03 5.62 -16.63
CA LEU A 465 23.03 6.24 -17.49
C LEU A 465 24.25 6.55 -16.62
N ASN A 466 25.35 5.86 -16.86
CA ASN A 466 26.56 6.04 -16.08
C ASN A 466 27.40 7.20 -16.60
N SER A 467 27.67 7.19 -17.90
CA SER A 467 28.47 8.24 -18.54
C SER A 467 27.90 8.51 -19.93
N THR A 468 27.94 9.77 -20.35
CA THR A 468 27.43 10.15 -21.67
C THR A 468 28.32 11.19 -22.38
N GLY A 469 28.13 11.32 -23.69
CA GLY A 469 28.88 12.26 -24.48
C GLY A 469 28.33 12.36 -25.88
N PRO A 470 28.85 13.29 -26.71
CA PRO A 470 28.38 13.47 -28.09
C PRO A 470 28.61 12.27 -29.03
N ASN A 471 29.51 11.36 -28.65
CA ASN A 471 29.79 10.19 -29.45
C ASN A 471 29.67 8.87 -28.69
N TYR A 472 28.98 8.88 -27.55
CA TYR A 472 28.84 7.64 -26.77
C TYR A 472 27.76 7.60 -25.69
N THR A 473 27.43 6.37 -25.27
CA THR A 473 26.50 6.13 -24.18
C THR A 473 27.15 5.08 -23.29
N GLU A 474 27.16 5.31 -21.99
CA GLU A 474 27.72 4.33 -21.07
C GLU A 474 26.66 3.95 -20.06
N ILE A 475 26.39 2.66 -20.00
CA ILE A 475 25.36 2.08 -19.14
C ILE A 475 25.90 1.37 -17.90
N LYS A 476 25.26 1.60 -16.78
CA LYS A 476 25.46 0.79 -15.57
C LYS A 476 24.27 -0.12 -15.38
N ALA A 477 24.50 -1.43 -15.43
CA ALA A 477 23.39 -2.36 -15.32
C ALA A 477 23.66 -3.34 -14.20
N VAL A 478 22.63 -3.75 -13.47
CA VAL A 478 22.81 -4.71 -12.40
C VAL A 478 21.73 -5.80 -12.54
N VAL A 479 22.16 -7.04 -12.71
CA VAL A 479 21.25 -8.17 -12.82
C VAL A 479 21.05 -8.73 -11.40
N TYR A 480 19.81 -9.06 -11.05
CA TYR A 480 19.49 -9.61 -9.73
C TYR A 480 18.76 -10.95 -9.82
N ASN A 481 19.26 -11.92 -9.06
CA ASN A 481 18.65 -13.24 -8.97
C ASN A 481 17.74 -13.19 -7.73
N GLN A 482 16.43 -13.18 -7.96
CA GLN A 482 15.45 -13.14 -6.90
C GLN A 482 14.59 -14.40 -7.06
N THR A 483 15.22 -15.51 -7.44
CA THR A 483 14.49 -16.77 -7.67
C THR A 483 13.91 -17.36 -6.40
N GLY A 484 12.76 -18.00 -6.55
CA GLY A 484 12.08 -18.59 -5.41
C GLY A 484 11.22 -19.79 -5.72
N TRP A 485 11.00 -20.09 -7.01
CA TRP A 485 10.16 -21.22 -7.42
C TRP A 485 10.81 -22.15 -8.45
N PRO A 486 11.89 -22.84 -8.05
CA PRO A 486 12.47 -22.74 -6.72
C PRO A 486 13.66 -21.81 -6.71
N ALA A 487 14.18 -21.53 -5.52
CA ALA A 487 15.39 -20.73 -5.39
C ALA A 487 16.43 -21.54 -6.18
N ARG A 488 17.29 -20.87 -6.91
CA ARG A 488 18.27 -21.59 -7.71
C ARG A 488 19.43 -20.73 -8.18
N VAL A 489 20.52 -21.40 -8.52
CA VAL A 489 21.69 -20.73 -9.05
C VAL A 489 21.33 -20.41 -10.50
N THR A 490 21.62 -19.19 -10.94
CA THR A 490 21.38 -18.79 -12.33
C THR A 490 22.75 -18.56 -12.97
N ASP A 491 23.32 -19.62 -13.53
CA ASP A 491 24.63 -19.53 -14.15
C ASP A 491 24.62 -19.41 -15.68
N LYS A 492 23.46 -19.12 -16.27
CA LYS A 492 23.37 -18.97 -17.71
C LYS A 492 22.63 -17.70 -18.13
N ILE A 493 22.81 -16.63 -17.37
CA ILE A 493 22.13 -15.34 -17.62
C ILE A 493 22.92 -14.43 -18.57
N SER A 494 22.18 -13.70 -19.39
CA SER A 494 22.77 -12.73 -20.31
C SER A 494 21.70 -11.66 -20.52
N PHE A 495 22.10 -10.50 -21.03
CA PHE A 495 21.12 -9.47 -21.31
C PHE A 495 21.53 -8.75 -22.59
N LYS A 496 20.58 -8.07 -23.21
CA LYS A 496 20.87 -7.39 -24.48
C LYS A 496 20.47 -5.93 -24.48
N TYR A 497 21.35 -5.08 -25.01
CA TYR A 497 21.11 -3.62 -25.09
C TYR A 497 20.97 -3.24 -26.56
N PHE A 498 19.75 -2.82 -26.91
CA PHE A 498 19.38 -2.51 -28.28
C PHE A 498 19.51 -1.06 -28.68
N MET A 499 20.05 -0.84 -29.86
CA MET A 499 20.23 0.50 -30.41
C MET A 499 19.72 0.54 -31.84
N ASP A 500 19.28 1.69 -32.25
CA ASP A 500 18.99 1.97 -33.66
C ASP A 500 20.15 2.75 -34.24
N LEU A 501 20.90 2.11 -35.13
CA LEU A 501 22.11 2.76 -35.67
C LEU A 501 21.94 3.37 -37.06
N SER A 502 20.72 3.79 -37.39
CA SER A 502 20.44 4.42 -38.68
C SER A 502 21.38 5.60 -38.92
N GLU A 503 21.70 6.33 -37.86
CA GLU A 503 22.60 7.49 -37.97
C GLU A 503 24.04 7.09 -38.29
N ILE A 504 24.44 5.89 -37.89
CA ILE A 504 25.80 5.41 -38.18
C ILE A 504 25.85 5.06 -39.67
N VAL A 505 24.82 4.38 -40.16
CA VAL A 505 24.75 4.02 -41.58
C VAL A 505 24.77 5.30 -42.42
N ALA A 506 24.02 6.30 -41.99
CA ALA A 506 23.96 7.58 -42.71
C ALA A 506 25.31 8.29 -42.75
N ALA A 507 26.19 7.99 -41.79
CA ALA A 507 27.51 8.62 -41.72
C ALA A 507 28.54 7.88 -42.55
N GLY A 508 28.11 6.79 -43.18
CA GLY A 508 29.00 5.98 -43.98
C GLY A 508 29.93 5.14 -43.11
N ILE A 509 29.50 4.86 -41.88
CA ILE A 509 30.30 4.07 -40.95
C ILE A 509 29.64 2.70 -40.71
N ASP A 510 30.46 1.66 -40.61
CA ASP A 510 29.94 0.32 -40.36
C ASP A 510 29.52 0.25 -38.91
N PRO A 511 28.23 -0.03 -38.64
CA PRO A 511 27.75 -0.12 -37.26
C PRO A 511 28.53 -1.19 -36.47
N LEU A 512 29.03 -2.19 -37.16
CA LEU A 512 29.78 -3.27 -36.50
C LEU A 512 31.18 -2.82 -36.05
N SER A 513 31.60 -1.63 -36.48
CA SER A 513 32.93 -1.10 -36.13
C SER A 513 32.92 -0.21 -34.89
N LEU A 514 31.74 0.12 -34.37
CA LEU A 514 31.64 0.94 -33.16
C LEU A 514 32.39 0.23 -32.03
N VAL A 515 33.00 1.02 -31.15
CA VAL A 515 33.77 0.43 -30.05
C VAL A 515 32.95 0.19 -28.80
N THR A 516 32.95 -1.04 -28.31
CA THR A 516 32.25 -1.32 -27.06
C THR A 516 33.36 -1.61 -26.04
N SER A 517 33.10 -1.29 -24.78
CA SER A 517 34.08 -1.48 -23.71
C SER A 517 33.40 -1.52 -22.35
N SER A 518 34.18 -1.89 -21.33
CA SER A 518 33.66 -1.98 -19.97
C SER A 518 34.70 -1.52 -18.92
N ASN A 519 34.43 -0.39 -18.26
CA ASN A 519 35.34 0.13 -17.25
C ASN A 519 35.20 -0.62 -15.90
N TYR A 520 34.08 -1.39 -15.76
CA TYR A 520 33.90 -2.11 -14.50
C TYR A 520 32.83 -3.23 -14.62
N SER A 521 33.01 -4.28 -13.82
CA SER A 521 32.07 -5.39 -13.79
C SER A 521 32.33 -6.33 -12.61
N GLU A 522 31.25 -6.69 -11.91
CA GLU A 522 31.36 -7.64 -10.81
C GLU A 522 31.33 -8.99 -11.54
N GLY A 523 32.12 -9.94 -11.08
CA GLY A 523 32.13 -11.24 -11.72
C GLY A 523 33.26 -11.36 -12.74
N LYS A 524 33.94 -12.49 -12.68
CA LYS A 524 35.07 -12.79 -13.56
C LYS A 524 34.68 -13.20 -14.98
N ASN A 525 33.51 -13.80 -15.13
CA ASN A 525 33.04 -14.27 -16.44
C ASN A 525 32.28 -13.28 -17.29
N THR A 526 32.04 -12.07 -16.77
CA THR A 526 31.30 -11.03 -17.50
C THR A 526 31.95 -10.68 -18.83
N LYS A 527 31.21 -10.88 -19.92
CA LYS A 527 31.73 -10.57 -21.26
C LYS A 527 30.78 -9.66 -22.06
N VAL A 528 31.30 -8.48 -22.42
CA VAL A 528 30.53 -7.52 -23.23
C VAL A 528 30.98 -7.67 -24.68
N SER A 529 30.05 -8.03 -25.57
CA SER A 529 30.35 -8.22 -26.99
C SER A 529 30.53 -6.92 -27.75
N GLY A 530 30.93 -7.05 -29.01
CA GLY A 530 31.04 -5.91 -29.91
C GLY A 530 29.61 -5.69 -30.42
N VAL A 531 29.40 -4.72 -31.30
CA VAL A 531 28.05 -4.48 -31.82
C VAL A 531 27.65 -5.63 -32.73
N LEU A 532 26.45 -6.17 -32.50
CA LEU A 532 25.93 -7.27 -33.31
C LEU A 532 24.62 -6.91 -33.96
N PRO A 533 24.36 -7.45 -35.16
CA PRO A 533 23.11 -7.14 -35.84
C PRO A 533 21.93 -7.87 -35.17
N TRP A 534 20.76 -7.22 -35.15
CA TRP A 534 19.57 -7.85 -34.60
C TRP A 534 18.45 -7.82 -35.64
N ASP A 535 18.15 -6.62 -36.14
CA ASP A 535 17.14 -6.45 -37.18
C ASP A 535 17.63 -5.29 -38.02
N VAL A 536 18.60 -5.58 -38.89
CA VAL A 536 19.18 -4.52 -39.72
C VAL A 536 18.23 -3.81 -40.66
N SER A 537 17.10 -4.44 -41.00
CA SER A 537 16.10 -3.80 -41.87
C SER A 537 15.53 -2.55 -41.19
N ASN A 538 15.60 -2.50 -39.87
CA ASN A 538 15.17 -1.34 -39.09
C ASN A 538 16.36 -0.74 -38.34
N ASN A 539 17.56 -1.07 -38.81
CA ASN A 539 18.82 -0.57 -38.25
C ASN A 539 19.01 -0.88 -36.77
N VAL A 540 18.45 -2.01 -36.33
CA VAL A 540 18.58 -2.40 -34.93
C VAL A 540 19.75 -3.33 -34.72
N TYR A 541 20.64 -2.92 -33.82
CA TYR A 541 21.82 -3.72 -33.45
C TYR A 541 21.81 -3.84 -31.93
N TYR A 542 22.71 -4.65 -31.39
CA TYR A 542 22.74 -4.79 -29.94
C TYR A 542 24.08 -5.22 -29.40
N VAL A 543 24.23 -5.06 -28.09
CA VAL A 543 25.43 -5.53 -27.41
C VAL A 543 24.93 -6.66 -26.51
N ASN A 544 25.61 -7.80 -26.58
CA ASN A 544 25.24 -8.96 -25.79
C ASN A 544 26.15 -9.00 -24.56
N VAL A 545 25.57 -9.02 -23.37
CA VAL A 545 26.37 -9.07 -22.16
C VAL A 545 26.11 -10.43 -21.55
N ASP A 546 27.13 -11.27 -21.58
CA ASP A 546 27.03 -12.63 -21.11
C ASP A 546 27.56 -12.82 -19.70
N LEU A 547 26.75 -13.44 -18.84
CA LEU A 547 27.13 -13.70 -17.46
C LEU A 547 27.22 -15.21 -17.22
N THR A 548 27.22 -15.98 -18.30
CA THR A 548 27.30 -17.43 -18.18
C THR A 548 28.55 -17.82 -17.39
N GLY A 549 28.38 -18.79 -16.49
CA GLY A 549 29.49 -19.22 -15.67
C GLY A 549 29.47 -18.59 -14.28
N GLU A 550 28.81 -17.42 -14.16
CA GLU A 550 28.70 -16.73 -12.88
C GLU A 550 27.79 -17.50 -11.93
N ASN A 551 28.28 -17.73 -10.70
CA ASN A 551 27.54 -18.43 -9.65
C ASN A 551 26.61 -17.42 -8.97
N ILE A 552 25.64 -16.91 -9.70
CA ILE A 552 24.69 -15.94 -9.13
C ILE A 552 23.62 -16.75 -8.41
N TYR A 553 23.38 -16.49 -7.12
CA TYR A 553 22.38 -17.25 -6.37
C TYR A 553 21.69 -16.35 -5.33
N PRO A 554 20.43 -16.66 -4.98
CA PRO A 554 19.66 -15.87 -4.00
C PRO A 554 20.10 -16.12 -2.54
N GLY A 555 21.30 -15.67 -2.21
CA GLY A 555 21.83 -15.90 -0.86
C GLY A 555 22.79 -14.85 -0.30
N GLY A 556 22.59 -13.59 -0.67
CA GLY A 556 23.47 -12.53 -0.16
C GLY A 556 23.30 -11.32 -1.04
N GLN A 557 23.66 -10.15 -0.52
CA GLN A 557 23.52 -8.92 -1.31
C GLN A 557 24.42 -8.93 -2.53
N SER A 558 25.63 -9.44 -2.37
CA SER A 558 26.58 -9.55 -3.46
C SER A 558 26.31 -10.83 -4.27
N ALA A 559 26.02 -11.91 -3.57
CA ALA A 559 25.75 -13.21 -4.20
C ALA A 559 24.65 -13.23 -5.26
N CYS A 560 23.59 -12.45 -5.04
CA CYS A 560 22.43 -12.40 -5.93
C CYS A 560 22.53 -11.42 -7.10
N ARG A 561 23.62 -10.67 -7.20
CA ARG A 561 23.69 -9.66 -8.25
C ARG A 561 25.01 -9.60 -8.98
N ARG A 562 24.96 -9.02 -10.17
CA ARG A 562 26.15 -8.82 -10.98
C ARG A 562 26.01 -7.48 -11.70
N GLU A 563 26.88 -6.54 -11.35
CA GLU A 563 26.89 -5.22 -11.97
C GLU A 563 27.81 -5.24 -13.17
N VAL A 564 27.42 -4.53 -14.23
CA VAL A 564 28.23 -4.41 -15.44
C VAL A 564 28.11 -3.00 -16.01
N GLN A 565 29.24 -2.34 -16.21
CA GLN A 565 29.25 -1.01 -16.81
C GLN A 565 29.81 -1.22 -18.21
N PHE A 566 29.08 -0.81 -19.25
CA PHE A 566 29.54 -0.98 -20.62
C PHE A 566 29.22 0.26 -21.43
N ARG A 567 30.06 0.52 -22.41
CA ARG A 567 29.92 1.70 -23.25
C ARG A 567 29.98 1.35 -24.74
N ILE A 568 29.23 2.10 -25.55
CA ILE A 568 29.25 1.91 -27.01
C ILE A 568 29.61 3.29 -27.53
N ALA A 569 30.58 3.39 -28.44
CA ALA A 569 30.99 4.69 -28.92
C ALA A 569 31.31 4.83 -30.40
N ALA A 570 30.89 5.96 -30.97
CA ALA A 570 31.16 6.32 -32.37
C ALA A 570 32.54 6.97 -32.32
N PRO A 571 33.12 7.31 -33.48
CA PRO A 571 34.47 7.93 -33.44
C PRO A 571 34.59 9.27 -32.71
N GLN A 572 35.76 9.51 -32.14
CA GLN A 572 36.09 10.75 -31.44
C GLN A 572 35.80 11.95 -32.34
N GLY A 573 35.24 13.01 -31.78
CA GLY A 573 34.95 14.18 -32.57
C GLY A 573 33.67 14.18 -33.39
N THR A 574 32.99 13.03 -33.49
CA THR A 574 31.75 12.95 -34.25
C THR A 574 30.56 13.38 -33.39
N THR A 575 29.49 13.81 -34.06
CA THR A 575 28.32 14.33 -33.38
C THR A 575 27.00 13.79 -33.88
N TYR A 576 27.05 12.67 -34.60
CA TYR A 576 25.83 12.09 -35.15
C TYR A 576 25.20 11.00 -34.25
N TRP A 577 25.97 10.47 -33.30
CA TRP A 577 25.48 9.44 -32.37
C TRP A 577 24.19 9.95 -31.74
N ASN A 578 23.11 9.18 -31.85
CA ASN A 578 21.83 9.58 -31.30
C ASN A 578 21.22 8.47 -30.46
N PRO A 579 21.36 8.55 -29.13
CA PRO A 579 20.80 7.51 -28.27
C PRO A 579 19.30 7.56 -28.13
N LYS A 580 18.69 8.70 -28.51
CA LYS A 580 17.24 8.84 -28.37
C LYS A 580 16.38 7.93 -29.22
N ASN A 581 16.91 7.36 -30.30
CA ASN A 581 16.12 6.42 -31.10
C ASN A 581 16.49 4.97 -30.76
N ASP A 582 17.27 4.79 -29.69
CA ASP A 582 17.67 3.45 -29.25
C ASP A 582 16.62 2.88 -28.32
N PHE A 583 16.14 1.68 -28.63
CA PHE A 583 15.12 1.02 -27.83
C PHE A 583 15.46 0.90 -26.33
N SER A 584 16.68 0.47 -26.02
CA SER A 584 17.09 0.31 -24.63
C SER A 584 17.43 1.58 -23.87
N TYR A 585 17.38 2.73 -24.54
CA TYR A 585 17.73 4.02 -23.94
C TYR A 585 16.49 4.73 -23.40
N ASP A 586 15.33 4.42 -23.98
CA ASP A 586 14.08 5.05 -23.61
C ASP A 586 13.73 4.82 -22.12
N GLY A 587 13.56 5.91 -21.39
CA GLY A 587 13.23 5.82 -19.97
C GLY A 587 14.43 5.63 -19.05
N LEU A 588 15.52 5.10 -19.60
CA LEU A 588 16.76 4.85 -18.86
C LEU A 588 17.10 5.98 -17.89
N PRO A 589 17.29 5.67 -16.59
CA PRO A 589 17.63 6.67 -15.56
C PRO A 589 18.84 7.51 -15.96
N THR A 590 18.70 8.83 -15.81
CA THR A 590 19.74 9.80 -16.18
C THR A 590 21.06 9.80 -15.40
N THR A 591 21.18 8.94 -14.39
CA THR A 591 22.41 8.86 -13.57
C THR A 591 22.83 7.42 -13.25
N SER A 592 23.76 7.27 -12.31
CA SER A 592 24.24 5.95 -11.91
C SER A 592 23.33 5.37 -10.80
N THR A 593 22.31 6.20 -10.38
CA THR A 593 21.23 5.60 -9.59
C THR A 593 20.40 4.70 -10.48
N VAL A 594 20.52 3.41 -10.29
CA VAL A 594 19.83 2.51 -11.18
C VAL A 594 18.42 2.10 -10.75
N ASN A 595 17.54 1.89 -11.72
CA ASN A 595 16.19 1.46 -11.43
C ASN A 595 15.84 0.30 -12.36
N THR A 596 14.81 -0.44 -12.00
CA THR A 596 14.36 -1.58 -12.81
C THR A 596 13.91 -1.08 -14.19
N VAL A 597 14.43 -1.69 -15.25
CA VAL A 597 14.06 -1.32 -16.61
C VAL A 597 13.48 -2.55 -17.31
N THR A 598 12.61 -2.30 -18.28
CA THR A 598 11.95 -3.37 -19.01
C THR A 598 12.37 -3.43 -20.49
N ASN A 599 13.36 -2.62 -20.86
CA ASN A 599 13.83 -2.58 -22.25
C ASN A 599 15.28 -3.04 -22.47
N ILE A 600 15.85 -3.66 -21.51
CA ILE A 600 17.14 -4.36 -21.60
C ILE A 600 16.96 -5.79 -21.14
N PRO A 601 16.27 -6.55 -22.03
CA PRO A 601 15.86 -7.92 -21.71
C PRO A 601 16.92 -8.87 -21.20
N VAL A 602 16.49 -9.70 -20.24
CA VAL A 602 17.33 -10.72 -19.61
C VAL A 602 16.93 -12.09 -20.14
N TYR A 603 17.94 -12.91 -20.38
CA TYR A 603 17.80 -14.25 -20.95
C TYR A 603 18.44 -15.25 -20.02
N ASP A 604 17.86 -16.46 -19.97
CA ASP A 604 18.35 -17.55 -19.13
C ASP A 604 18.59 -18.69 -20.13
N ASN A 605 19.86 -18.95 -20.44
CA ASN A 605 20.25 -19.96 -21.43
C ASN A 605 19.62 -19.61 -22.80
N GLY A 606 19.73 -18.34 -23.18
CA GLY A 606 19.19 -17.88 -24.46
C GLY A 606 17.71 -17.59 -24.51
N VAL A 607 16.97 -18.00 -23.47
CA VAL A 607 15.52 -17.80 -23.41
C VAL A 607 15.17 -16.53 -22.63
N LYS A 608 14.39 -15.64 -23.24
CA LYS A 608 14.02 -14.40 -22.57
C LYS A 608 13.09 -14.60 -21.37
N VAL A 609 13.50 -14.11 -20.20
CA VAL A 609 12.69 -14.25 -18.99
C VAL A 609 12.22 -12.93 -18.38
N PHE A 610 12.83 -11.82 -18.78
CA PHE A 610 12.43 -10.53 -18.24
C PHE A 610 12.62 -9.42 -19.27
N GLY A 611 11.68 -8.49 -19.29
CA GLY A 611 11.80 -7.38 -20.22
C GLY A 611 11.28 -7.65 -21.61
N ASN A 612 11.44 -6.65 -22.47
CA ASN A 612 10.96 -6.70 -23.83
C ASN A 612 12.03 -6.43 -24.88
N GLU A 613 11.81 -6.98 -26.06
CA GLU A 613 12.68 -6.79 -27.21
C GLU A 613 12.00 -5.76 -28.12
N PRO A 614 12.75 -5.18 -29.08
CA PRO A 614 12.20 -4.18 -30.01
C PRO A 614 11.11 -4.77 -30.90
N GLY B 2 16.19 14.90 -10.23
CA GLY B 2 15.95 16.36 -10.06
C GLY B 2 15.65 16.71 -8.61
N THR B 3 15.70 18.01 -8.30
CA THR B 3 15.42 18.50 -6.96
C THR B 3 14.16 19.35 -7.02
N TYR B 4 13.30 19.24 -5.98
CA TYR B 4 12.04 19.99 -5.96
C TYR B 4 11.93 20.78 -4.66
N ASN B 5 11.42 21.98 -4.84
CA ASN B 5 11.28 22.87 -3.71
C ASN B 5 9.99 22.52 -2.97
N TYR B 6 10.12 21.76 -1.88
CA TYR B 6 8.95 21.32 -1.12
C TYR B 6 8.21 22.43 -0.37
N GLY B 7 8.94 23.45 0.07
CA GLY B 7 8.34 24.56 0.80
C GLY B 7 7.46 25.41 -0.10
N GLU B 8 7.92 25.68 -1.32
CA GLU B 8 7.13 26.45 -2.26
C GLU B 8 5.86 25.64 -2.61
N ALA B 9 6.02 24.32 -2.78
CA ALA B 9 4.88 23.47 -3.10
C ALA B 9 3.85 23.50 -1.97
N LEU B 10 4.35 23.43 -0.74
CA LEU B 10 3.49 23.47 0.45
C LEU B 10 2.73 24.78 0.53
N GLN B 11 3.47 25.87 0.40
CA GLN B 11 2.84 27.19 0.48
C GLN B 11 1.75 27.38 -0.59
N LYS B 12 2.00 26.84 -1.78
CA LYS B 12 1.01 26.97 -2.87
C LYS B 12 -0.18 26.05 -2.67
N SER B 13 0.05 24.83 -2.18
CA SER B 13 -1.03 23.88 -1.93
C SER B 13 -1.98 24.45 -0.86
N ILE B 14 -1.45 25.14 0.14
CA ILE B 14 -2.33 25.74 1.16
C ILE B 14 -3.09 26.90 0.53
N MET B 15 -2.39 27.68 -0.30
CA MET B 15 -3.02 28.83 -0.95
C MET B 15 -4.18 28.44 -1.89
N PHE B 16 -4.10 27.25 -2.50
CA PHE B 16 -5.15 26.74 -3.38
C PHE B 16 -6.54 26.89 -2.72
N TYR B 17 -6.62 26.52 -1.44
CA TYR B 17 -7.91 26.60 -0.72
C TYR B 17 -8.43 28.02 -0.61
N GLU B 18 -7.54 29.00 -0.55
CA GLU B 18 -7.97 30.40 -0.49
C GLU B 18 -8.71 30.77 -1.75
N PHE B 19 -8.31 30.16 -2.88
CA PHE B 19 -8.99 30.44 -4.14
C PHE B 19 -10.32 29.69 -4.23
N GLN B 20 -10.53 28.72 -3.36
CA GLN B 20 -11.78 27.93 -3.35
C GLN B 20 -12.79 28.55 -2.40
N ARG B 21 -12.39 29.59 -1.67
CA ARG B 21 -13.31 30.21 -0.70
C ARG B 21 -14.60 30.81 -1.24
N SER B 22 -15.69 30.52 -0.52
CA SER B 22 -17.01 31.06 -0.82
C SER B 22 -17.30 32.02 0.32
N GLY B 23 -18.19 32.97 0.10
CA GLY B 23 -18.57 33.88 1.17
C GLY B 23 -17.90 35.24 1.16
N ASP B 24 -18.00 35.89 2.31
CA ASP B 24 -17.48 37.23 2.55
C ASP B 24 -15.97 37.12 2.80
N LEU B 25 -15.20 37.37 1.75
CA LEU B 25 -13.75 37.24 1.85
C LEU B 25 -13.08 38.31 2.71
N PRO B 26 -12.06 37.90 3.49
CA PRO B 26 -11.32 38.80 4.37
C PRO B 26 -10.57 39.92 3.65
N ALA B 27 -10.40 41.04 4.36
CA ALA B 27 -9.67 42.18 3.79
C ALA B 27 -8.20 41.80 3.66
N ASP B 28 -7.78 40.77 4.38
CA ASP B 28 -6.38 40.33 4.33
C ASP B 28 -6.04 39.45 3.09
N LYS B 29 -7.04 39.16 2.24
CA LYS B 29 -6.84 38.32 1.06
C LYS B 29 -5.63 38.73 0.23
N ARG B 30 -4.87 37.76 -0.25
CA ARG B 30 -3.68 38.04 -1.02
C ARG B 30 -3.79 37.78 -2.52
N ASP B 31 -4.98 38.04 -3.05
CA ASP B 31 -5.19 37.89 -4.49
C ASP B 31 -6.09 39.04 -4.90
N ASN B 32 -6.15 39.33 -6.19
CA ASN B 32 -7.00 40.41 -6.71
C ASN B 32 -7.99 39.84 -7.73
N TRP B 33 -8.29 38.46 -7.60
CA TRP B 33 -9.25 38.03 -8.63
C TRP B 33 -10.39 37.22 -8.02
N ARG B 34 -10.42 36.99 -6.72
CA ARG B 34 -11.57 36.37 -6.07
C ARG B 34 -12.22 37.45 -5.20
N ASP B 35 -13.55 37.43 -5.10
CA ASP B 35 -14.26 38.37 -4.25
C ASP B 35 -15.51 37.71 -3.68
N ASP B 36 -16.32 38.50 -2.96
CA ASP B 36 -17.55 38.02 -2.35
C ASP B 36 -18.39 37.20 -3.32
N SER B 37 -18.86 36.05 -2.86
CA SER B 37 -19.71 35.17 -3.67
C SER B 37 -20.53 34.25 -2.75
N GLY B 38 -21.61 33.69 -3.29
CA GLY B 38 -22.49 32.82 -2.51
C GLY B 38 -22.94 33.56 -1.27
N MET B 39 -23.15 34.87 -1.41
CA MET B 39 -23.52 35.72 -0.28
C MET B 39 -24.93 35.52 0.28
N LYS B 40 -25.77 34.82 -0.45
CA LYS B 40 -27.13 34.52 -0.02
C LYS B 40 -27.24 33.05 0.40
N ASP B 41 -26.10 32.36 0.52
CA ASP B 41 -26.11 30.94 0.87
C ASP B 41 -26.83 30.71 2.19
N GLY B 42 -27.88 29.88 2.14
CA GLY B 42 -28.71 29.60 3.30
C GLY B 42 -29.97 30.46 3.36
N SER B 43 -30.07 31.45 2.49
CA SER B 43 -31.25 32.34 2.50
C SER B 43 -32.57 31.58 2.27
N ASP B 44 -32.50 30.46 1.54
CA ASP B 44 -33.72 29.70 1.28
C ASP B 44 -34.29 29.06 2.54
N VAL B 45 -33.46 28.93 3.57
CA VAL B 45 -33.93 28.37 4.85
C VAL B 45 -33.81 29.34 6.03
N GLY B 46 -33.38 30.57 5.75
CA GLY B 46 -33.26 31.57 6.80
C GLY B 46 -32.12 31.30 7.75
N VAL B 47 -31.03 30.73 7.24
CA VAL B 47 -29.86 30.42 8.06
C VAL B 47 -28.64 30.96 7.35
N ASP B 48 -27.70 31.55 8.09
CA ASP B 48 -26.50 32.06 7.47
C ASP B 48 -25.60 30.84 7.19
N LEU B 49 -25.54 30.43 5.94
CA LEU B 49 -24.69 29.30 5.55
C LEU B 49 -23.57 29.79 4.64
N THR B 50 -23.16 31.04 4.81
CA THR B 50 -22.09 31.57 3.96
C THR B 50 -20.72 31.09 4.42
N GLY B 51 -19.80 31.05 3.47
CA GLY B 51 -18.45 30.62 3.77
C GLY B 51 -18.11 29.25 3.24
N GLY B 52 -17.08 28.62 3.82
CA GLY B 52 -16.67 27.31 3.37
C GLY B 52 -15.95 27.35 2.03
N TRP B 53 -15.70 26.18 1.43
CA TRP B 53 -15.00 26.11 0.15
C TRP B 53 -15.83 25.49 -0.95
N TYR B 54 -15.70 26.04 -2.17
CA TYR B 54 -16.35 25.43 -3.32
C TYR B 54 -15.59 24.10 -3.50
N ASP B 55 -16.28 23.06 -3.94
CA ASP B 55 -15.64 21.75 -4.03
C ASP B 55 -14.50 21.54 -5.01
N ALA B 56 -14.76 21.79 -6.28
CA ALA B 56 -13.77 21.54 -7.32
C ALA B 56 -13.71 22.71 -8.30
N GLY B 57 -14.04 22.46 -9.57
CA GLY B 57 -14.03 23.54 -10.54
C GLY B 57 -15.43 24.11 -10.69
N ASP B 58 -16.27 23.78 -9.71
CA ASP B 58 -17.68 24.20 -9.69
C ASP B 58 -17.93 25.08 -8.46
N HIS B 59 -19.19 25.40 -8.14
CA HIS B 59 -19.47 26.24 -6.98
C HIS B 59 -20.41 25.62 -5.95
N VAL B 60 -20.54 24.29 -5.99
CA VAL B 60 -21.35 23.59 -4.99
C VAL B 60 -20.47 23.38 -3.72
N LYS B 61 -21.12 23.50 -2.57
CA LYS B 61 -20.46 23.26 -1.29
C LYS B 61 -20.94 21.88 -0.86
N PHE B 62 -20.06 20.89 -1.03
CA PHE B 62 -20.31 19.47 -0.70
C PHE B 62 -19.59 19.21 0.61
N ASN B 63 -20.35 19.15 1.72
CA ASN B 63 -19.73 19.02 3.04
C ASN B 63 -18.92 17.76 3.34
N LEU B 64 -19.20 16.65 2.66
CA LEU B 64 -18.45 15.42 2.93
C LEU B 64 -16.98 15.59 2.50
N PRO B 65 -16.71 15.89 1.21
CA PRO B 65 -15.29 16.05 0.88
C PRO B 65 -14.72 17.32 1.52
N MET B 66 -15.58 18.33 1.74
CA MET B 66 -15.09 19.57 2.35
C MET B 66 -14.56 19.33 3.77
N SER B 67 -15.29 18.52 4.56
CA SER B 67 -14.89 18.23 5.92
C SER B 67 -13.75 17.22 5.97
N TYR B 68 -13.75 16.32 5.00
CA TYR B 68 -12.63 15.36 4.91
C TYR B 68 -11.35 16.20 4.73
N THR B 69 -11.44 17.18 3.84
CA THR B 69 -10.31 18.06 3.55
C THR B 69 -9.75 18.78 4.76
N SER B 70 -10.60 19.52 5.49
CA SER B 70 -10.13 20.25 6.64
C SER B 70 -9.65 19.32 7.75
N ALA B 71 -10.25 18.13 7.87
CA ALA B 71 -9.80 17.17 8.87
C ALA B 71 -8.37 16.70 8.53
N MET B 72 -8.11 16.49 7.24
CA MET B 72 -6.80 16.05 6.79
C MET B 72 -5.77 17.17 6.96
N LEU B 73 -6.16 18.43 6.73
CA LEU B 73 -5.23 19.55 6.92
C LEU B 73 -4.86 19.68 8.41
N ALA B 74 -5.88 19.54 9.27
CA ALA B 74 -5.64 19.61 10.71
C ALA B 74 -4.76 18.46 11.15
N TRP B 75 -4.94 17.29 10.55
CA TRP B 75 -4.13 16.12 10.90
C TRP B 75 -2.66 16.45 10.57
N SER B 76 -2.44 17.04 9.41
CA SER B 76 -1.08 17.41 9.01
C SER B 76 -0.49 18.39 10.03
N LEU B 77 -1.27 19.40 10.45
CA LEU B 77 -0.76 20.39 11.42
C LEU B 77 -0.49 19.76 12.78
N TYR B 78 -1.32 18.77 13.14
CA TYR B 78 -1.14 18.06 14.41
C TYR B 78 0.14 17.21 14.38
N GLU B 79 0.46 16.66 13.21
CA GLU B 79 1.63 15.81 13.08
C GLU B 79 2.92 16.56 12.85
N ASP B 80 2.84 17.63 12.07
CA ASP B 80 4.03 18.37 11.68
C ASP B 80 4.01 19.88 11.87
N LYS B 81 3.64 20.33 13.07
CA LYS B 81 3.60 21.78 13.32
C LYS B 81 4.96 22.42 13.08
N ASP B 82 6.04 21.68 13.34
CA ASP B 82 7.40 22.22 13.13
C ASP B 82 7.62 22.61 11.67
N ALA B 83 7.08 21.81 10.74
CA ALA B 83 7.21 22.10 9.32
C ALA B 83 6.46 23.40 8.96
N TYR B 84 5.26 23.57 9.51
CA TYR B 84 4.51 24.77 9.21
C TYR B 84 5.17 26.00 9.80
N ASP B 85 5.69 25.88 11.02
CA ASP B 85 6.34 27.02 11.67
C ASP B 85 7.61 27.43 10.91
N LYS B 86 8.42 26.45 10.56
CA LYS B 86 9.67 26.69 9.87
C LYS B 86 9.47 27.33 8.51
N SER B 87 8.46 26.85 7.78
CA SER B 87 8.16 27.37 6.45
C SER B 87 7.36 28.66 6.48
N GLY B 88 6.98 29.12 7.67
CA GLY B 88 6.20 30.34 7.81
C GLY B 88 4.76 30.23 7.29
N GLN B 89 4.26 29.01 7.18
CA GLN B 89 2.91 28.74 6.67
C GLN B 89 1.85 28.42 7.73
N THR B 90 2.24 28.36 9.01
CA THR B 90 1.30 28.05 10.08
C THR B 90 0.03 28.92 10.05
N LYS B 91 0.21 30.23 9.94
CA LYS B 91 -0.93 31.15 9.89
C LYS B 91 -1.88 30.84 8.74
N TYR B 92 -1.33 30.56 7.57
CA TYR B 92 -2.15 30.27 6.39
C TYR B 92 -2.92 28.98 6.51
N ILE B 93 -2.30 27.91 7.02
CA ILE B 93 -3.06 26.67 7.14
C ILE B 93 -4.12 26.76 8.24
N MET B 94 -3.81 27.47 9.33
CA MET B 94 -4.80 27.63 10.40
C MET B 94 -5.98 28.46 9.90
N ASP B 95 -5.71 29.46 9.06
CA ASP B 95 -6.82 30.29 8.53
C ASP B 95 -7.73 29.40 7.65
N GLY B 96 -7.12 28.51 6.85
CA GLY B 96 -7.90 27.62 6.00
C GLY B 96 -8.76 26.67 6.83
N ILE B 97 -8.15 26.05 7.84
CA ILE B 97 -8.89 25.13 8.72
C ILE B 97 -10.04 25.88 9.38
N LYS B 98 -9.78 27.10 9.82
CA LYS B 98 -10.81 27.90 10.45
C LYS B 98 -11.91 28.27 9.46
N TRP B 99 -11.53 28.53 8.21
CA TRP B 99 -12.52 28.88 7.18
C TRP B 99 -13.57 27.79 7.02
N ALA B 100 -13.11 26.55 6.93
CA ALA B 100 -14.00 25.42 6.74
C ALA B 100 -14.82 25.20 7.98
N ASN B 101 -14.13 25.15 9.12
CA ASN B 101 -14.81 24.89 10.39
C ASN B 101 -15.79 25.97 10.86
N ASP B 102 -15.55 27.22 10.51
CA ASP B 102 -16.53 28.26 10.87
C ASP B 102 -17.83 27.97 10.12
N TYR B 103 -17.70 27.52 8.88
CA TYR B 103 -18.86 27.19 8.05
C TYR B 103 -19.57 25.94 8.60
N PHE B 104 -18.82 24.91 8.99
CA PHE B 104 -19.49 23.73 9.57
C PHE B 104 -20.25 24.10 10.84
N ILE B 105 -19.69 25.02 11.63
CA ILE B 105 -20.38 25.49 12.83
C ILE B 105 -21.73 26.14 12.41
N LYS B 106 -21.69 26.98 11.38
N LYS B 106 -21.69 26.98 11.38
CA LYS B 106 -22.89 27.64 10.88
CA LYS B 106 -22.89 27.64 10.88
C LYS B 106 -23.92 26.60 10.43
C LYS B 106 -23.92 26.60 10.43
N CYS B 107 -23.43 25.49 9.90
CA CYS B 107 -24.29 24.42 9.39
C CYS B 107 -24.98 23.60 10.48
N ASN B 108 -24.57 23.77 11.73
CA ASN B 108 -25.16 23.07 12.89
C ASN B 108 -25.72 24.18 13.78
N PRO B 109 -26.72 24.94 13.27
CA PRO B 109 -27.35 26.06 13.98
C PRO B 109 -28.09 25.75 15.26
N THR B 110 -28.62 24.52 15.35
CA THR B 110 -29.33 24.08 16.55
C THR B 110 -29.02 22.59 16.70
N PRO B 111 -28.92 22.09 17.94
CA PRO B 111 -28.61 20.66 18.07
C PRO B 111 -29.61 19.74 17.37
N GLY B 112 -29.10 18.78 16.62
CA GLY B 112 -29.95 17.86 15.89
C GLY B 112 -30.20 18.20 14.43
N VAL B 113 -29.71 19.36 13.98
CA VAL B 113 -29.88 19.72 12.57
C VAL B 113 -28.51 20.02 11.94
N TYR B 114 -28.33 19.52 10.74
CA TYR B 114 -27.07 19.76 10.06
C TYR B 114 -27.26 19.98 8.57
N TYR B 115 -26.90 21.17 8.10
CA TYR B 115 -26.95 21.43 6.65
C TYR B 115 -25.69 20.89 6.01
N TYR B 116 -25.87 19.94 5.10
CA TYR B 116 -24.73 19.24 4.52
C TYR B 116 -24.37 19.66 3.11
N GLN B 117 -25.13 20.58 2.53
CA GLN B 117 -24.86 21.02 1.18
C GLN B 117 -25.53 22.35 0.87
N VAL B 118 -24.85 23.15 0.03
CA VAL B 118 -25.42 24.40 -0.45
C VAL B 118 -25.08 24.37 -1.95
N GLY B 119 -26.12 24.42 -2.77
CA GLY B 119 -25.91 24.35 -4.20
C GLY B 119 -26.50 23.04 -4.69
N ASP B 120 -27.07 23.07 -5.90
CA ASP B 120 -27.66 21.91 -6.54
C ASP B 120 -26.68 21.54 -7.66
N GLY B 121 -26.23 20.28 -7.68
CA GLY B 121 -25.27 19.88 -8.69
C GLY B 121 -25.68 20.19 -10.12
N GLY B 122 -26.95 19.94 -10.42
CA GLY B 122 -27.47 20.19 -11.75
C GLY B 122 -27.53 21.65 -12.12
N LYS B 123 -28.06 22.49 -11.23
CA LYS B 123 -28.16 23.92 -11.50
C LYS B 123 -26.79 24.55 -11.59
N ASP B 124 -25.90 24.20 -10.65
CA ASP B 124 -24.56 24.77 -10.61
C ASP B 124 -23.70 24.42 -11.83
N HIS B 125 -23.76 23.16 -12.25
CA HIS B 125 -22.93 22.72 -13.37
C HIS B 125 -23.42 23.11 -14.74
N SER B 126 -24.63 23.65 -14.80
CA SER B 126 -25.23 24.08 -16.06
C SER B 126 -24.81 25.50 -16.50
N TRP B 127 -23.87 26.10 -15.78
CA TRP B 127 -23.37 27.44 -16.12
C TRP B 127 -21.86 27.47 -15.92
N TRP B 128 -21.15 28.04 -16.90
CA TRP B 128 -19.70 28.12 -16.86
C TRP B 128 -19.29 29.58 -16.71
N GLY B 129 -19.03 30.00 -15.48
CA GLY B 129 -18.65 31.38 -15.22
C GLY B 129 -18.07 31.54 -13.85
N PRO B 130 -17.57 32.75 -13.52
CA PRO B 130 -16.97 32.99 -12.21
C PRO B 130 -17.96 33.06 -11.05
N ALA B 131 -17.51 32.54 -9.91
CA ALA B 131 -18.31 32.49 -8.69
C ALA B 131 -19.03 33.79 -8.33
N GLU B 132 -18.33 34.92 -8.44
CA GLU B 132 -18.86 36.24 -8.09
C GLU B 132 -20.16 36.66 -8.76
N VAL B 133 -20.43 36.14 -9.96
CA VAL B 133 -21.64 36.54 -10.65
C VAL B 133 -22.67 35.45 -10.92
N MET B 134 -22.62 34.35 -10.16
CA MET B 134 -23.59 33.26 -10.28
C MET B 134 -24.99 33.85 -10.15
N GLN B 135 -25.92 33.41 -10.98
CA GLN B 135 -27.30 33.94 -10.96
C GLN B 135 -28.36 32.92 -10.57
N MET B 136 -27.97 31.65 -10.53
CA MET B 136 -28.91 30.57 -10.23
C MET B 136 -29.19 30.36 -8.75
N GLU B 137 -30.31 29.68 -8.48
CA GLU B 137 -30.70 29.37 -7.10
C GLU B 137 -29.66 28.41 -6.54
N ARG B 138 -29.40 28.55 -5.25
CA ARG B 138 -28.42 27.71 -4.56
C ARG B 138 -29.09 27.12 -3.31
N PRO B 139 -29.92 26.07 -3.50
CA PRO B 139 -30.62 25.48 -2.34
C PRO B 139 -29.74 24.84 -1.27
N SER B 140 -30.25 24.87 -0.05
CA SER B 140 -29.60 24.29 1.14
C SER B 140 -30.27 22.94 1.44
N PHE B 141 -29.49 21.99 1.97
CA PHE B 141 -30.01 20.65 2.26
C PHE B 141 -29.58 20.24 3.65
N LYS B 142 -30.48 19.60 4.39
CA LYS B 142 -30.12 19.19 5.75
C LYS B 142 -30.48 17.76 6.12
N VAL B 143 -29.80 17.28 7.15
CA VAL B 143 -30.06 15.95 7.71
C VAL B 143 -30.42 16.15 9.17
N ASP B 144 -31.19 15.21 9.70
CA ASP B 144 -31.61 15.23 11.09
C ASP B 144 -31.93 13.79 11.49
N ALA B 145 -32.50 13.58 12.67
CA ALA B 145 -32.83 12.22 13.13
C ALA B 145 -33.74 11.47 12.14
N SER B 146 -34.66 12.21 11.51
CA SER B 146 -35.61 11.65 10.55
C SER B 146 -35.04 11.35 9.17
N LYS B 147 -34.08 12.06 8.73
CA LYS B 147 -33.36 11.88 7.45
C LYS B 147 -31.88 12.00 7.78
N PRO B 148 -31.27 10.90 8.29
CA PRO B 148 -29.87 10.87 8.72
C PRO B 148 -28.85 11.06 7.61
N GLY B 149 -27.63 11.44 8.05
CA GLY B 149 -26.44 11.47 7.22
C GLY B 149 -25.25 11.13 8.11
N SER B 150 -25.09 9.86 8.50
CA SER B 150 -24.00 9.50 9.40
C SER B 150 -22.61 9.81 8.87
N ALA B 151 -22.36 9.48 7.61
CA ALA B 151 -21.05 9.76 7.05
C ALA B 151 -20.72 11.25 7.06
N VAL B 152 -21.61 12.10 6.56
CA VAL B 152 -21.28 13.52 6.53
C VAL B 152 -21.26 14.18 7.91
N CYS B 153 -22.12 13.73 8.83
CA CYS B 153 -22.12 14.29 10.17
C CYS B 153 -20.83 13.89 10.88
N ALA B 154 -20.42 12.62 10.74
CA ALA B 154 -19.20 12.15 11.40
C ALA B 154 -17.94 12.77 10.79
N SER B 155 -17.92 12.93 9.47
CA SER B 155 -16.78 13.55 8.79
C SER B 155 -16.64 15.00 9.26
N THR B 156 -17.78 15.66 9.46
CA THR B 156 -17.78 17.04 9.92
C THR B 156 -17.30 17.11 11.38
N ALA B 157 -17.76 16.15 12.19
CA ALA B 157 -17.34 16.06 13.58
C ALA B 157 -15.83 15.87 13.63
N ALA B 158 -15.28 15.02 12.76
CA ALA B 158 -13.83 14.78 12.72
C ALA B 158 -13.11 16.10 12.41
N SER B 159 -13.64 16.83 11.45
CA SER B 159 -13.06 18.10 11.08
C SER B 159 -13.06 19.06 12.26
N LEU B 160 -14.21 19.17 12.94
CA LEU B 160 -14.33 20.09 14.07
C LEU B 160 -13.47 19.70 15.26
N ALA B 161 -13.37 18.39 15.52
CA ALA B 161 -12.57 17.87 16.62
C ALA B 161 -11.07 18.01 16.33
N SER B 162 -10.66 17.71 15.10
CA SER B 162 -9.25 17.89 14.72
C SER B 162 -8.91 19.39 14.78
N ALA B 163 -9.85 20.26 14.39
CA ALA B 163 -9.62 21.70 14.47
C ALA B 163 -9.38 22.10 15.94
N ALA B 164 -10.15 21.53 16.86
CA ALA B 164 -10.04 21.84 18.28
C ALA B 164 -8.66 21.45 18.79
N VAL B 165 -8.20 20.26 18.39
CA VAL B 165 -6.87 19.79 18.79
C VAL B 165 -5.78 20.78 18.39
N VAL B 166 -5.83 21.28 17.15
CA VAL B 166 -4.79 22.19 16.68
C VAL B 166 -4.96 23.65 17.07
N PHE B 167 -6.16 24.05 17.48
CA PHE B 167 -6.43 25.42 17.90
C PHE B 167 -6.44 25.61 19.43
N LYS B 168 -6.46 24.52 20.18
CA LYS B 168 -6.56 24.58 21.65
C LYS B 168 -5.53 25.51 22.33
N SER B 169 -4.26 25.41 21.93
CA SER B 169 -3.19 26.22 22.52
C SER B 169 -3.31 27.73 22.29
N SER B 170 -3.69 28.11 21.09
CA SER B 170 -3.81 29.53 20.74
C SER B 170 -5.22 30.14 20.87
N ASP B 171 -6.25 29.30 20.84
CA ASP B 171 -7.61 29.80 20.91
C ASP B 171 -8.52 28.73 21.55
N PRO B 172 -8.39 28.56 22.88
CA PRO B 172 -9.17 27.59 23.65
C PRO B 172 -10.67 27.76 23.52
N THR B 173 -11.13 29.02 23.42
CA THR B 173 -12.54 29.31 23.28
C THR B 173 -13.09 28.76 21.96
N TYR B 174 -12.32 28.90 20.89
CA TYR B 174 -12.72 28.37 19.60
C TYR B 174 -12.68 26.85 19.62
N ALA B 175 -11.65 26.29 20.24
CA ALA B 175 -11.52 24.84 20.33
C ALA B 175 -12.73 24.28 21.09
N GLU B 176 -13.15 25.00 22.12
CA GLU B 176 -14.28 24.58 22.93
C GLU B 176 -15.58 24.64 22.10
N LYS B 177 -15.72 25.69 21.30
CA LYS B 177 -16.90 25.82 20.44
C LYS B 177 -16.90 24.68 19.39
N CYS B 178 -15.73 24.41 18.79
CA CYS B 178 -15.61 23.30 17.82
C CYS B 178 -16.01 21.97 18.44
N ILE B 179 -15.54 21.69 19.65
CA ILE B 179 -15.87 20.43 20.32
C ILE B 179 -17.38 20.28 20.56
N SER B 180 -18.02 21.37 20.97
CA SER B 180 -19.44 21.35 21.25
C SER B 180 -20.23 20.92 20.01
N HIS B 181 -19.88 21.48 18.85
CA HIS B 181 -20.56 21.13 17.61
C HIS B 181 -20.15 19.74 17.16
N ALA B 182 -18.87 19.39 17.34
CA ALA B 182 -18.41 18.06 16.94
C ALA B 182 -19.16 16.98 17.72
N LYS B 183 -19.36 17.20 19.02
CA LYS B 183 -20.08 16.24 19.83
C LYS B 183 -21.51 16.02 19.34
N ASN B 184 -22.20 17.11 18.97
CA ASN B 184 -23.57 16.96 18.49
C ASN B 184 -23.64 16.21 17.15
N LEU B 185 -22.77 16.58 16.21
CA LEU B 185 -22.78 15.93 14.91
C LEU B 185 -22.39 14.45 15.01
N PHE B 186 -21.43 14.15 15.88
CA PHE B 186 -21.03 12.76 16.07
C PHE B 186 -22.17 11.96 16.74
N ASP B 187 -22.81 12.54 17.74
CA ASP B 187 -23.90 11.86 18.42
C ASP B 187 -25.03 11.56 17.42
N MET B 188 -25.35 12.51 16.54
CA MET B 188 -26.38 12.30 15.53
C MET B 188 -25.99 11.12 14.62
N ALA B 189 -24.74 11.14 14.16
CA ALA B 189 -24.23 10.10 13.28
C ALA B 189 -24.27 8.72 13.94
N ASP B 190 -23.78 8.68 15.18
CA ASP B 190 -23.71 7.45 15.97
C ASP B 190 -25.07 6.80 16.24
N LYS B 191 -26.03 7.63 16.63
CA LYS B 191 -27.37 7.14 16.90
C LYS B 191 -28.10 6.66 15.65
N ALA B 192 -27.92 7.37 14.54
CA ALA B 192 -28.59 7.04 13.28
C ALA B 192 -28.04 5.84 12.54
N LYS B 193 -26.72 5.77 12.40
CA LYS B 193 -26.06 4.70 11.66
C LYS B 193 -26.76 4.47 10.32
N SER B 194 -26.89 5.55 9.56
CA SER B 194 -27.55 5.51 8.26
C SER B 194 -27.25 6.76 7.46
N ASP B 195 -27.13 6.60 6.14
CA ASP B 195 -26.90 7.72 5.22
C ASP B 195 -28.16 7.94 4.38
N ALA B 196 -29.29 7.42 4.86
CA ALA B 196 -30.56 7.52 4.14
C ALA B 196 -30.98 8.92 3.74
N GLY B 197 -30.77 9.89 4.63
CA GLY B 197 -31.13 11.26 4.31
C GLY B 197 -30.07 12.03 3.54
N TYR B 198 -28.91 11.42 3.31
CA TYR B 198 -27.82 12.08 2.57
C TYR B 198 -28.07 11.82 1.09
N THR B 199 -28.85 12.70 0.47
CA THR B 199 -29.23 12.51 -0.94
C THR B 199 -28.85 13.55 -1.98
N ALA B 200 -28.71 14.82 -1.58
CA ALA B 200 -28.40 15.89 -2.52
C ALA B 200 -27.07 15.78 -3.25
N ALA B 201 -26.16 14.94 -2.74
CA ALA B 201 -24.86 14.75 -3.38
C ALA B 201 -24.77 13.46 -4.22
N SER B 202 -25.91 12.83 -4.48
CA SER B 202 -25.95 11.59 -5.26
C SER B 202 -25.34 11.82 -6.64
N GLY B 203 -24.38 10.98 -7.01
CA GLY B 203 -23.74 11.11 -8.30
C GLY B 203 -22.43 11.88 -8.22
N TYR B 204 -22.27 12.68 -7.17
CA TYR B 204 -21.06 13.47 -6.98
C TYR B 204 -20.26 12.90 -5.80
N TYR B 205 -20.89 12.89 -4.62
CA TYR B 205 -20.25 12.37 -3.42
C TYR B 205 -21.11 11.37 -2.63
N SER B 206 -21.64 10.36 -3.32
CA SER B 206 -22.44 9.35 -2.63
C SER B 206 -21.56 8.68 -1.60
N SER B 207 -22.14 8.32 -0.45
CA SER B 207 -21.38 7.68 0.62
C SER B 207 -21.54 6.17 0.53
N SER B 208 -20.42 5.46 0.51
CA SER B 208 -20.48 4.00 0.47
C SER B 208 -20.20 3.39 1.83
N SER B 209 -20.00 4.22 2.85
CA SER B 209 -19.67 3.71 4.17
C SER B 209 -19.74 4.80 5.22
N PHE B 210 -20.15 4.43 6.44
CA PHE B 210 -20.18 5.41 7.54
C PHE B 210 -19.50 4.93 8.80
N TYR B 211 -19.25 3.62 8.93
CA TYR B 211 -18.57 3.10 10.12
C TYR B 211 -17.14 3.61 10.19
N ASP B 212 -16.52 3.82 9.03
CA ASP B 212 -15.16 4.36 8.96
C ASP B 212 -15.20 5.81 9.50
N ASP B 213 -16.18 6.57 9.05
CA ASP B 213 -16.33 7.95 9.51
C ASP B 213 -16.55 8.00 11.01
N LEU B 214 -17.35 7.07 11.52
CA LEU B 214 -17.62 7.00 12.95
C LEU B 214 -16.31 6.79 13.75
N SER B 215 -15.47 5.84 13.33
CA SER B 215 -14.19 5.63 14.04
C SER B 215 -13.28 6.85 13.93
N TRP B 216 -13.13 7.42 12.77
CA TRP B 216 -12.34 8.61 12.43
C TRP B 216 -12.78 9.78 13.32
N ALA B 217 -14.09 10.06 13.38
CA ALA B 217 -14.61 11.13 14.23
C ALA B 217 -14.32 10.83 15.71
N ALA B 218 -14.58 9.58 16.12
CA ALA B 218 -14.37 9.18 17.51
C ALA B 218 -12.90 9.34 17.92
N VAL B 219 -11.98 8.97 17.03
CA VAL B 219 -10.55 9.13 17.30
C VAL B 219 -10.22 10.60 17.52
N TRP B 220 -10.72 11.47 16.63
CA TRP B 220 -10.45 12.90 16.80
C TRP B 220 -11.10 13.53 18.03
N LEU B 221 -12.30 13.06 18.39
CA LEU B 221 -12.94 13.56 19.59
C LEU B 221 -12.14 13.11 20.82
N TYR B 222 -11.52 11.94 20.74
CA TYR B 222 -10.71 11.44 21.84
C TYR B 222 -9.48 12.35 22.02
N LEU B 223 -8.84 12.72 20.91
CA LEU B 223 -7.67 13.59 20.93
C LEU B 223 -8.02 15.02 21.39
N ALA B 224 -9.22 15.47 21.08
CA ALA B 224 -9.67 16.80 21.45
C ALA B 224 -10.14 16.90 22.91
N THR B 225 -10.66 15.81 23.44
CA THR B 225 -11.21 15.82 24.79
C THR B 225 -10.46 15.03 25.84
N ASN B 226 -9.62 14.08 25.41
CA ASN B 226 -8.89 13.21 26.32
C ASN B 226 -9.86 12.32 27.10
N ASP B 227 -11.05 12.13 26.54
CA ASP B 227 -12.08 11.31 27.17
C ASP B 227 -12.07 9.93 26.49
N SER B 228 -11.59 8.90 27.20
CA SER B 228 -11.52 7.57 26.64
C SER B 228 -12.85 6.96 26.16
N THR B 229 -13.97 7.57 26.55
CA THR B 229 -15.29 7.11 26.07
C THR B 229 -15.21 7.04 24.55
N TYR B 230 -14.61 8.07 23.96
CA TYR B 230 -14.48 8.13 22.50
C TYR B 230 -13.51 7.12 21.89
N LEU B 231 -12.44 6.77 22.62
CA LEU B 231 -11.50 5.77 22.10
C LEU B 231 -12.22 4.41 22.04
N ASP B 232 -13.00 4.10 23.09
CA ASP B 232 -13.76 2.86 23.13
C ASP B 232 -14.72 2.83 21.94
N LYS B 233 -15.42 3.94 21.70
CA LYS B 233 -16.34 4.02 20.57
C LYS B 233 -15.64 3.79 19.23
N ALA B 234 -14.47 4.41 19.04
CA ALA B 234 -13.74 4.27 17.79
C ALA B 234 -13.42 2.82 17.50
N GLU B 235 -12.97 2.11 18.53
CA GLU B 235 -12.62 0.70 18.37
C GLU B 235 -13.83 -0.19 18.11
N SER B 236 -14.98 0.19 18.64
CA SER B 236 -16.20 -0.63 18.48
C SER B 236 -16.74 -0.77 17.06
N TYR B 237 -16.47 0.22 16.21
CA TYR B 237 -16.96 0.16 14.83
C TYR B 237 -16.08 -0.68 13.92
N VAL B 238 -14.87 -1.00 14.35
CA VAL B 238 -13.95 -1.77 13.52
C VAL B 238 -14.50 -3.05 12.87
N PRO B 239 -15.28 -3.86 13.62
CA PRO B 239 -15.84 -5.11 13.07
C PRO B 239 -16.81 -4.82 11.91
N ASN B 240 -17.37 -3.61 11.90
CA ASN B 240 -18.30 -3.22 10.83
C ASN B 240 -17.63 -2.53 9.65
N TRP B 241 -16.32 -2.30 9.72
CA TRP B 241 -15.61 -1.68 8.61
C TRP B 241 -15.62 -2.67 7.44
N GLY B 242 -15.49 -2.14 6.22
CA GLY B 242 -15.46 -3.00 5.05
C GLY B 242 -14.27 -3.94 5.09
N LYS B 243 -14.48 -5.14 4.57
CA LYS B 243 -13.42 -6.15 4.54
C LYS B 243 -12.96 -6.45 3.12
N GLU B 244 -11.88 -7.22 3.01
CA GLU B 244 -11.39 -7.63 1.70
C GLU B 244 -12.33 -8.72 1.21
N GLN B 245 -12.76 -8.59 -0.04
CA GLN B 245 -13.70 -9.51 -0.70
C GLN B 245 -13.84 -10.92 -0.14
N GLN B 246 -12.87 -11.79 -0.43
CA GLN B 246 -12.92 -13.18 0.03
C GLN B 246 -12.18 -13.52 1.32
N THR B 247 -12.26 -12.65 2.33
CA THR B 247 -11.62 -12.87 3.63
C THR B 247 -12.42 -12.16 4.70
N ASP B 248 -11.94 -12.24 5.94
CA ASP B 248 -12.56 -11.56 7.08
C ASP B 248 -11.51 -10.57 7.60
N ILE B 249 -10.69 -10.08 6.68
CA ILE B 249 -9.60 -9.13 6.96
C ILE B 249 -10.07 -7.73 6.58
N ILE B 250 -9.70 -6.73 7.39
CA ILE B 250 -10.07 -5.33 7.14
C ILE B 250 -9.57 -4.92 5.75
N ALA B 251 -10.40 -4.20 4.99
CA ALA B 251 -10.00 -3.79 3.64
C ALA B 251 -8.63 -3.12 3.64
N TYR B 252 -7.84 -3.40 2.62
CA TYR B 252 -6.52 -2.83 2.53
C TYR B 252 -6.10 -2.50 1.10
N LYS B 253 -6.95 -2.78 0.11
CA LYS B 253 -6.55 -2.54 -1.28
C LYS B 253 -6.92 -1.19 -1.90
N TRP B 254 -7.45 -0.29 -1.09
CA TRP B 254 -7.80 1.04 -1.59
C TRP B 254 -6.90 2.04 -0.84
N GLY B 255 -7.42 3.22 -0.57
CA GLY B 255 -6.63 4.22 0.14
C GLY B 255 -7.50 5.26 0.80
N GLN B 256 -6.88 6.04 1.69
CA GLN B 256 -7.54 7.11 2.42
C GLN B 256 -8.16 8.09 1.43
N TRP B 258 -12.07 10.84 0.76
CA TRP B 258 -13.30 11.41 1.35
C TRP B 258 -14.39 10.37 1.66
N ASP B 259 -14.41 9.29 0.89
CA ASP B 259 -15.42 8.23 1.05
C ASP B 259 -14.99 7.12 2.00
N ASP B 260 -13.70 7.02 2.25
CA ASP B 260 -13.14 5.95 3.08
C ASP B 260 -11.99 6.45 3.95
N VAL B 261 -12.29 6.71 5.21
CA VAL B 261 -11.29 7.19 6.15
C VAL B 261 -10.82 6.12 7.13
N HIS B 262 -11.13 4.84 6.90
CA HIS B 262 -10.66 3.82 7.85
C HIS B 262 -9.14 3.67 7.86
N TYR B 263 -8.50 4.06 6.78
CA TYR B 263 -7.05 3.96 6.71
C TYR B 263 -6.41 4.92 7.73
N GLY B 264 -6.87 6.18 7.70
CA GLY B 264 -6.39 7.17 8.64
C GLY B 264 -6.78 6.80 10.07
N ALA B 265 -8.00 6.32 10.24
CA ALA B 265 -8.46 5.92 11.57
C ALA B 265 -7.62 4.78 12.16
N GLU B 266 -7.35 3.75 11.38
CA GLU B 266 -6.58 2.60 11.89
C GLU B 266 -5.11 2.95 12.15
N LEU B 267 -4.59 3.91 11.38
CA LEU B 267 -3.22 4.36 11.57
C LEU B 267 -3.16 5.09 12.91
N LEU B 268 -4.11 6.00 13.15
CA LEU B 268 -4.12 6.70 14.43
C LEU B 268 -4.40 5.73 15.58
N LEU B 269 -5.28 4.75 15.35
CA LEU B 269 -5.57 3.79 16.41
C LEU B 269 -4.35 2.93 16.77
N ALA B 270 -3.49 2.65 15.79
CA ALA B 270 -2.29 1.87 16.05
C ALA B 270 -1.37 2.68 16.96
N LYS B 271 -1.25 3.98 16.67
CA LYS B 271 -0.39 4.86 17.47
C LYS B 271 -0.94 5.12 18.88
N LEU B 272 -2.25 5.17 19.01
CA LEU B 272 -2.89 5.43 20.29
C LEU B 272 -3.10 4.21 21.20
N THR B 273 -3.10 3.03 20.61
CA THR B 273 -3.34 1.82 21.40
C THR B 273 -2.22 0.77 21.33
N ASN B 274 -1.43 0.84 20.26
CA ASN B 274 -0.34 -0.10 19.97
C ASN B 274 -0.85 -1.53 19.78
N LYS B 275 -2.15 -1.68 19.49
CA LYS B 275 -2.73 -2.98 19.27
C LYS B 275 -2.32 -3.54 17.92
N GLN B 276 -1.92 -4.80 17.92
CA GLN B 276 -1.46 -5.47 16.73
C GLN B 276 -2.45 -5.40 15.57
N LEU B 277 -3.75 -5.49 15.88
CA LEU B 277 -4.77 -5.44 14.84
C LEU B 277 -4.61 -4.22 13.92
N TYR B 278 -4.42 -3.05 14.53
CA TYR B 278 -4.29 -1.83 13.73
C TYR B 278 -2.97 -1.76 13.00
N LYS B 279 -1.90 -2.15 13.69
CA LYS B 279 -0.58 -2.15 13.08
C LYS B 279 -0.58 -3.03 11.85
N ASP B 280 -1.12 -4.23 11.99
CA ASP B 280 -1.22 -5.19 10.88
C ASP B 280 -2.02 -4.57 9.72
N SER B 281 -3.17 -4.01 10.06
CA SER B 281 -4.04 -3.41 9.05
C SER B 281 -3.41 -2.29 8.22
N ILE B 282 -2.84 -1.28 8.89
CA ILE B 282 -2.23 -0.18 8.16
C ILE B 282 -0.99 -0.65 7.40
N GLU B 283 -0.24 -1.61 7.96
CA GLU B 283 0.93 -2.08 7.23
C GLU B 283 0.54 -2.90 5.99
N MET B 284 -0.61 -3.57 6.04
CA MET B 284 -1.07 -4.35 4.89
C MET B 284 -1.41 -3.35 3.77
N ASN B 285 -2.03 -2.23 4.13
CA ASN B 285 -2.38 -1.21 3.14
C ASN B 285 -1.12 -0.57 2.57
N LEU B 286 -0.21 -0.12 3.43
CA LEU B 286 1.02 0.51 2.96
C LEU B 286 1.91 -0.47 2.17
N ASP B 287 1.91 -1.75 2.59
CA ASP B 287 2.67 -2.77 1.86
C ASP B 287 2.06 -3.00 0.46
N PHE B 288 0.74 -3.03 0.40
CA PHE B 288 0.04 -3.18 -0.89
C PHE B 288 0.45 -2.04 -1.83
N TRP B 289 0.66 -0.84 -1.27
CA TRP B 289 1.03 0.34 -2.04
C TRP B 289 2.50 0.49 -2.38
N THR B 290 3.35 -0.31 -1.74
CA THR B 290 4.79 -0.21 -1.96
C THR B 290 5.45 -1.50 -2.49
N THR B 291 5.80 -2.40 -1.59
CA THR B 291 6.45 -3.66 -1.99
C THR B 291 5.51 -4.77 -2.43
N GLY B 292 4.24 -4.62 -2.09
CA GLY B 292 3.24 -5.63 -2.42
C GLY B 292 3.10 -6.54 -1.21
N VAL B 293 1.98 -7.24 -1.11
CA VAL B 293 1.79 -8.14 0.03
C VAL B 293 0.99 -9.39 -0.33
N ASN B 294 1.65 -10.54 -0.23
CA ASN B 294 1.05 -11.86 -0.52
C ASN B 294 0.58 -11.96 -1.98
N GLY B 295 1.48 -11.64 -2.91
CA GLY B 295 1.14 -11.70 -4.33
C GLY B 295 0.18 -10.61 -4.81
N THR B 296 0.05 -9.51 -4.05
CA THR B 296 -0.85 -8.43 -4.44
C THR B 296 -0.21 -7.05 -4.25
N ARG B 297 -0.31 -6.20 -5.27
CA ARG B 297 0.28 -4.87 -5.21
C ARG B 297 -0.51 -3.90 -6.10
N VAL B 298 -0.57 -2.64 -5.67
CA VAL B 298 -1.25 -1.61 -6.45
C VAL B 298 -0.50 -1.48 -7.78
N SER B 299 -1.23 -1.15 -8.83
CA SER B 299 -0.60 -1.00 -10.13
C SER B 299 0.36 0.20 -10.11
N TYR B 300 1.45 0.10 -10.87
CA TYR B 300 2.41 1.20 -10.97
C TYR B 300 2.59 1.54 -12.44
N THR B 301 2.62 2.84 -12.76
CA THR B 301 2.81 3.27 -14.14
C THR B 301 4.29 3.06 -14.47
N PRO B 302 4.63 3.03 -15.77
CA PRO B 302 6.05 2.84 -16.10
C PRO B 302 6.99 3.90 -15.51
N LYS B 303 6.49 5.11 -15.29
CA LYS B 303 7.29 6.19 -14.74
C LYS B 303 7.26 6.32 -13.21
N GLY B 304 6.72 5.31 -12.53
CA GLY B 304 6.75 5.30 -11.08
C GLY B 304 5.56 5.72 -10.24
N LEU B 305 4.45 6.11 -10.85
CA LEU B 305 3.25 6.51 -10.09
C LEU B 305 2.43 5.30 -9.61
N ALA B 306 2.13 5.23 -8.30
CA ALA B 306 1.30 4.15 -7.77
C ALA B 306 -0.09 4.59 -8.20
N TRP B 307 -0.68 3.80 -9.09
CA TRP B 307 -1.95 4.12 -9.72
C TRP B 307 -3.11 3.25 -9.25
N LEU B 308 -4.03 3.89 -8.50
CA LEU B 308 -5.17 3.18 -7.95
C LEU B 308 -6.43 3.13 -8.79
N PHE B 309 -6.76 4.25 -9.43
CA PHE B 309 -8.02 4.39 -10.13
C PHE B 309 -7.92 5.50 -11.19
N GLN B 310 -8.84 5.47 -12.15
CA GLN B 310 -8.93 6.44 -13.25
C GLN B 310 -9.01 7.91 -12.77
N TRP B 311 -9.87 8.15 -11.78
CA TRP B 311 -10.08 9.47 -11.23
C TRP B 311 -9.14 9.81 -10.08
N GLY B 312 -8.53 10.99 -10.16
CA GLY B 312 -7.63 11.44 -9.10
C GLY B 312 -6.52 10.47 -8.74
N SER B 313 -5.82 9.97 -9.75
CA SER B 313 -4.69 9.06 -9.52
C SER B 313 -3.65 9.75 -8.62
N LEU B 314 -3.38 11.04 -8.87
CA LEU B 314 -2.41 11.81 -8.07
C LEU B 314 -2.97 12.05 -6.67
N ARG B 315 -4.26 12.29 -6.59
CA ARG B 315 -4.94 12.45 -5.30
C ARG B 315 -4.71 11.21 -4.44
N HIS B 316 -4.95 10.04 -5.01
CA HIS B 316 -4.77 8.80 -4.23
C HIS B 316 -3.34 8.54 -3.85
N ALA B 317 -2.42 8.71 -4.80
CA ALA B 317 -0.99 8.47 -4.55
C ALA B 317 -0.40 9.39 -3.49
N THR B 318 -0.67 10.70 -3.61
CA THR B 318 -0.13 11.65 -2.65
C THR B 318 -0.76 11.52 -1.27
N THR B 319 -2.01 11.06 -1.20
CA THR B 319 -2.64 10.87 0.09
C THR B 319 -1.97 9.68 0.77
N GLN B 320 -1.74 8.60 0.02
CA GLN B 320 -1.05 7.44 0.59
C GLN B 320 0.38 7.80 1.01
N ALA B 321 1.01 8.70 0.27
CA ALA B 321 2.36 9.17 0.59
C ALA B 321 2.35 9.81 1.98
N PHE B 322 1.31 10.61 2.25
CA PHE B 322 1.15 11.25 3.54
C PHE B 322 1.04 10.21 4.65
N LEU B 323 0.15 9.24 4.48
CA LEU B 323 -0.03 8.21 5.50
C LEU B 323 1.27 7.44 5.73
N ALA B 324 1.96 7.10 4.65
CA ALA B 324 3.24 6.39 4.74
C ALA B 324 4.26 7.22 5.55
N GLY B 325 4.31 8.53 5.29
CA GLY B 325 5.23 9.41 6.00
C GLY B 325 4.95 9.47 7.48
N VAL B 326 3.68 9.62 7.85
CA VAL B 326 3.29 9.67 9.26
C VAL B 326 3.62 8.36 9.96
N TYR B 327 3.19 7.26 9.36
CA TYR B 327 3.40 5.94 9.95
C TYR B 327 4.87 5.57 10.10
N ALA B 328 5.67 5.94 9.11
CA ALA B 328 7.10 5.63 9.08
C ALA B 328 7.85 6.23 10.26
N GLU B 329 7.34 7.35 10.77
CA GLU B 329 7.95 8.05 11.90
C GLU B 329 7.53 7.50 13.26
N TRP B 330 6.51 6.64 13.29
CA TRP B 330 6.03 6.08 14.56
C TRP B 330 6.96 4.96 14.99
N GLU B 331 7.33 4.96 16.28
CA GLU B 331 8.21 3.94 16.85
C GLU B 331 7.67 2.52 16.64
N GLY B 332 6.35 2.38 16.53
CA GLY B 332 5.75 1.07 16.32
C GLY B 332 5.83 0.45 14.94
N CYS B 333 6.18 1.24 13.93
CA CYS B 333 6.30 0.77 12.55
C CYS B 333 7.36 -0.33 12.51
N THR B 334 7.11 -1.38 11.74
CA THR B 334 8.08 -2.48 11.59
C THR B 334 9.35 -1.79 11.10
N PRO B 335 10.44 -1.88 11.87
CA PRO B 335 11.73 -1.26 11.54
C PRO B 335 12.18 -1.42 10.09
N SER B 336 12.04 -2.63 9.56
CA SER B 336 12.46 -2.91 8.20
C SER B 336 11.61 -2.30 7.09
N LYS B 337 10.53 -1.60 7.44
CA LYS B 337 9.68 -0.97 6.41
C LYS B 337 9.77 0.55 6.42
N VAL B 338 10.44 1.10 7.44
CA VAL B 338 10.57 2.56 7.56
C VAL B 338 11.13 3.21 6.29
N SER B 339 12.27 2.72 5.82
CA SER B 339 12.88 3.29 4.62
C SER B 339 12.00 3.07 3.38
N VAL B 340 11.33 1.93 3.28
CA VAL B 340 10.45 1.68 2.13
C VAL B 340 9.32 2.72 2.11
N TYR B 341 8.73 2.97 3.27
CA TYR B 341 7.66 3.96 3.38
C TYR B 341 8.15 5.38 3.10
N LYS B 342 9.31 5.75 3.61
CA LYS B 342 9.83 7.11 3.35
C LYS B 342 10.22 7.27 1.88
N ASP B 343 10.71 6.20 1.26
CA ASP B 343 11.08 6.26 -0.15
C ASP B 343 9.84 6.51 -1.00
N PHE B 344 8.74 5.87 -0.62
CA PHE B 344 7.44 5.95 -1.29
C PHE B 344 6.90 7.38 -1.16
N LEU B 345 6.97 7.91 0.05
CA LEU B 345 6.53 9.29 0.30
C LEU B 345 7.23 10.21 -0.71
N LYS B 346 8.56 10.09 -0.82
CA LYS B 346 9.29 10.95 -1.75
C LYS B 346 9.01 10.68 -3.22
N SER B 347 8.97 9.40 -3.61
CA SER B 347 8.74 9.05 -5.00
C SER B 347 7.39 9.54 -5.55
N GLN B 348 6.34 9.40 -4.76
CA GLN B 348 5.01 9.84 -5.19
C GLN B 348 4.89 11.36 -5.25
N ILE B 349 5.42 12.04 -4.23
CA ILE B 349 5.39 13.50 -4.22
C ILE B 349 6.25 14.03 -5.36
N ASP B 350 7.42 13.42 -5.59
CA ASP B 350 8.28 13.85 -6.69
C ASP B 350 7.62 13.65 -8.06
N TYR B 351 6.77 12.62 -8.20
CA TYR B 351 6.04 12.39 -9.46
C TYR B 351 5.08 13.58 -9.69
N ALA B 352 4.36 13.95 -8.63
CA ALA B 352 3.42 15.06 -8.67
C ALA B 352 4.15 16.37 -8.97
N LEU B 353 5.34 16.55 -8.40
CA LEU B 353 6.09 17.79 -8.56
C LEU B 353 6.94 17.96 -9.82
N GLY B 354 7.38 16.86 -10.42
CA GLY B 354 8.19 17.00 -11.63
C GLY B 354 9.11 15.86 -12.07
N SER B 355 9.03 14.69 -11.46
CA SER B 355 9.94 13.60 -11.84
C SER B 355 9.79 13.08 -13.29
N THR B 356 8.63 13.30 -13.90
CA THR B 356 8.43 12.88 -15.29
C THR B 356 8.91 13.95 -16.27
N GLY B 357 9.28 15.13 -15.76
CA GLY B 357 9.73 16.20 -16.62
C GLY B 357 8.81 17.41 -16.62
N ARG B 358 7.67 17.27 -15.94
CA ARG B 358 6.72 18.37 -15.83
C ARG B 358 5.97 18.24 -14.53
N SER B 359 5.50 19.38 -14.04
CA SER B 359 4.73 19.45 -12.80
C SER B 359 3.23 19.26 -13.06
N PHE B 360 2.56 18.63 -12.11
CA PHE B 360 1.11 18.41 -12.15
C PHE B 360 0.40 19.37 -11.16
N VAL B 361 1.16 20.35 -10.66
CA VAL B 361 0.66 21.36 -9.71
C VAL B 361 0.57 22.70 -10.46
N VAL B 362 -0.62 23.28 -10.52
CA VAL B 362 -0.83 24.55 -11.21
C VAL B 362 0.05 25.66 -10.61
N GLY B 363 0.67 26.46 -11.48
CA GLY B 363 1.51 27.56 -11.03
C GLY B 363 2.76 27.19 -10.26
N TYR B 364 3.25 25.97 -10.49
CA TYR B 364 4.45 25.47 -9.81
C TYR B 364 5.33 24.64 -10.74
N GLY B 365 6.65 24.79 -10.58
CA GLY B 365 7.60 24.00 -11.33
C GLY B 365 7.66 24.14 -12.83
N VAL B 366 8.17 23.08 -13.47
CA VAL B 366 8.33 23.02 -14.91
C VAL B 366 7.07 22.64 -15.69
N ASN B 367 6.70 23.48 -16.66
CA ASN B 367 5.56 23.19 -17.54
C ASN B 367 4.32 22.74 -16.76
N PRO B 368 3.88 23.54 -15.77
CA PRO B 368 2.70 23.13 -15.01
C PRO B 368 1.42 23.17 -15.85
N PRO B 369 0.34 22.49 -15.39
CA PRO B 369 -0.92 22.48 -16.15
C PRO B 369 -1.44 23.92 -16.31
N GLN B 370 -1.86 24.24 -17.53
CA GLN B 370 -2.36 25.56 -17.90
C GLN B 370 -3.87 25.63 -18.03
N HIS B 371 -4.53 24.50 -18.09
CA HIS B 371 -5.98 24.51 -18.31
C HIS B 371 -6.78 23.62 -17.36
N PRO B 372 -6.58 23.75 -16.04
CA PRO B 372 -7.34 22.90 -15.12
C PRO B 372 -8.84 23.15 -15.27
N HIS B 373 -9.65 22.11 -15.06
CA HIS B 373 -11.10 22.23 -15.19
C HIS B 373 -11.61 23.07 -14.00
N HIS B 374 -11.67 24.39 -14.17
CA HIS B 374 -12.06 25.30 -13.08
C HIS B 374 -12.70 26.56 -13.65
N ARG B 375 -13.96 26.80 -13.30
CA ARG B 375 -14.71 27.97 -13.76
C ARG B 375 -14.12 29.31 -13.39
N THR B 376 -13.86 29.52 -12.10
CA THR B 376 -13.36 30.82 -11.70
C THR B 376 -11.95 31.14 -12.15
N ALA B 377 -11.05 30.16 -12.15
CA ALA B 377 -9.68 30.39 -12.63
C ALA B 377 -9.67 30.66 -14.14
N HIS B 378 -10.53 29.99 -14.91
CA HIS B 378 -10.61 30.19 -16.36
C HIS B 378 -11.08 31.60 -16.62
N GLY B 379 -12.22 31.98 -16.03
CA GLY B 379 -12.71 33.33 -16.21
C GLY B 379 -13.44 33.65 -17.50
N SER B 380 -14.30 32.74 -17.96
CA SER B 380 -15.08 33.02 -19.16
C SER B 380 -16.11 34.11 -18.82
N TRP B 381 -16.36 35.04 -19.73
CA TRP B 381 -17.37 36.07 -19.50
C TRP B 381 -18.56 35.87 -20.43
N THR B 382 -18.55 34.74 -21.17
CA THR B 382 -19.59 34.41 -22.14
C THR B 382 -20.23 33.03 -21.95
N ASP B 383 -20.07 32.44 -20.77
CA ASP B 383 -20.61 31.11 -20.48
C ASP B 383 -20.12 30.12 -21.56
N GLN B 384 -18.80 30.09 -21.76
CA GLN B 384 -18.16 29.18 -22.73
C GLN B 384 -16.88 28.63 -22.15
N MET B 385 -16.75 27.31 -22.16
CA MET B 385 -15.55 26.65 -21.68
C MET B 385 -14.38 26.93 -22.63
N THR B 386 -14.71 27.23 -23.88
CA THR B 386 -13.71 27.47 -24.93
C THR B 386 -13.24 28.90 -25.12
N SER B 387 -13.81 29.83 -24.37
CA SER B 387 -13.44 31.22 -24.53
C SER B 387 -13.38 31.97 -23.20
N PRO B 388 -12.24 32.64 -22.90
CA PRO B 388 -11.04 32.73 -23.73
C PRO B 388 -10.36 31.37 -23.89
N THR B 389 -9.37 31.28 -24.78
CA THR B 389 -8.68 30.02 -25.01
C THR B 389 -7.55 29.70 -24.02
N TYR B 390 -7.41 30.56 -23.01
CA TYR B 390 -6.42 30.40 -21.97
C TYR B 390 -7.11 30.76 -20.65
N HIS B 391 -6.51 30.38 -19.53
CA HIS B 391 -7.05 30.72 -18.22
C HIS B 391 -6.64 32.13 -17.86
N ARG B 392 -7.59 32.96 -17.44
CA ARG B 392 -7.20 34.33 -17.09
C ARG B 392 -6.48 34.42 -15.74
N HIS B 393 -6.63 33.40 -14.90
CA HIS B 393 -6.00 33.38 -13.58
C HIS B 393 -5.19 32.13 -13.33
N THR B 394 -4.20 32.23 -12.44
CA THR B 394 -3.38 31.08 -12.06
C THR B 394 -3.84 30.62 -10.68
N ILE B 395 -4.46 29.45 -10.61
CA ILE B 395 -4.93 28.91 -9.35
C ILE B 395 -3.80 28.10 -8.72
N TYR B 396 -2.81 28.83 -8.18
CA TYR B 396 -1.62 28.25 -7.57
C TYR B 396 -1.86 27.09 -6.63
N GLY B 397 -1.04 26.06 -6.76
CA GLY B 397 -1.10 24.92 -5.86
C GLY B 397 -2.06 23.76 -6.13
N ALA B 398 -3.00 23.94 -7.05
CA ALA B 398 -3.99 22.90 -7.37
C ALA B 398 -3.33 21.67 -7.99
N LEU B 399 -3.57 20.51 -7.39
CA LEU B 399 -3.02 19.26 -7.91
C LEU B 399 -4.06 18.68 -8.87
N VAL B 400 -3.70 18.51 -10.13
CA VAL B 400 -4.66 17.97 -11.11
C VAL B 400 -4.94 16.47 -10.90
N GLY B 401 -6.02 15.98 -11.48
CA GLY B 401 -6.39 14.57 -11.34
C GLY B 401 -5.20 13.67 -11.56
N GLY B 402 -4.52 13.86 -12.68
CA GLY B 402 -3.37 13.02 -12.93
C GLY B 402 -3.48 12.15 -14.15
N PRO B 403 -2.39 11.45 -14.49
CA PRO B 403 -2.35 10.58 -15.66
C PRO B 403 -3.10 9.27 -15.58
N ASP B 404 -3.21 8.60 -16.73
CA ASP B 404 -3.84 7.29 -16.78
C ASP B 404 -2.76 6.29 -16.35
N ASN B 405 -3.06 4.99 -16.39
CA ASN B 405 -2.08 3.98 -15.95
C ASN B 405 -0.82 3.81 -16.78
N ALA B 406 -0.75 4.49 -17.92
CA ALA B 406 0.41 4.45 -18.79
C ALA B 406 1.11 5.81 -18.83
N ASP B 407 0.85 6.65 -17.82
CA ASP B 407 1.42 8.01 -17.70
C ASP B 407 0.88 9.00 -18.73
N GLY B 408 -0.20 8.62 -19.42
CA GLY B 408 -0.80 9.51 -20.40
C GLY B 408 -1.53 10.64 -19.71
N TYR B 409 -1.37 11.86 -20.22
CA TYR B 409 -2.03 13.04 -19.63
C TYR B 409 -2.14 14.15 -20.67
N THR B 410 -3.29 14.82 -20.73
CA THR B 410 -3.49 15.92 -21.66
C THR B 410 -4.07 17.10 -20.90
N ASP B 411 -3.40 18.24 -21.04
CA ASP B 411 -3.78 19.47 -20.36
C ASP B 411 -4.81 20.27 -21.17
N GLU B 412 -6.07 19.87 -21.04
CA GLU B 412 -7.17 20.54 -21.72
C GLU B 412 -8.24 20.88 -20.69
N ILE B 413 -8.95 21.98 -20.92
CA ILE B 413 -9.96 22.41 -19.97
C ILE B 413 -11.10 21.42 -19.72
N ASN B 414 -11.50 20.69 -20.76
CA ASN B 414 -12.56 19.69 -20.58
C ASN B 414 -12.09 18.24 -20.51
N ASN B 415 -10.83 18.07 -20.17
CA ASN B 415 -10.40 16.75 -19.77
C ASN B 415 -10.70 16.60 -18.30
N TYR B 416 -12.03 16.64 -18.09
CA TYR B 416 -12.63 16.71 -16.77
C TYR B 416 -12.21 15.60 -15.84
N VAL B 417 -11.56 14.56 -16.38
CA VAL B 417 -11.09 13.45 -15.56
C VAL B 417 -9.67 13.76 -15.08
N ASN B 418 -8.72 13.71 -16.01
CA ASN B 418 -7.33 13.92 -15.66
C ASN B 418 -6.93 15.36 -15.34
N ASN B 419 -7.79 16.32 -15.67
CA ASN B 419 -7.48 17.72 -15.40
C ASN B 419 -8.39 18.39 -14.39
N GLU B 420 -9.18 17.60 -13.67
CA GLU B 420 -10.03 18.16 -12.63
C GLU B 420 -9.14 18.56 -11.45
N ILE B 421 -9.60 19.55 -10.68
CA ILE B 421 -8.90 19.97 -9.46
C ILE B 421 -9.97 20.04 -8.38
N ALA B 422 -9.61 19.70 -7.15
CA ALA B 422 -10.62 19.67 -6.09
C ALA B 422 -10.04 19.72 -4.70
N CYS B 423 -10.84 20.15 -3.73
CA CYS B 423 -10.40 20.23 -2.34
C CYS B 423 -9.73 18.94 -1.87
N ASP B 424 -10.41 17.81 -2.05
CA ASP B 424 -9.87 16.54 -1.58
C ASP B 424 -8.57 16.11 -2.24
N TYR B 425 -8.40 16.52 -3.49
CA TYR B 425 -7.17 16.19 -4.22
C TYR B 425 -5.96 16.80 -3.51
N ASN B 426 -6.11 18.01 -2.99
CA ASN B 426 -4.98 18.66 -2.32
C ASN B 426 -4.82 18.42 -0.82
N ALA B 427 -5.80 17.74 -0.20
CA ALA B 427 -5.75 17.55 1.25
C ALA B 427 -4.57 16.71 1.72
N GLY B 428 -4.54 15.44 1.32
CA GLY B 428 -3.45 14.56 1.73
C GLY B 428 -2.12 15.06 1.22
N PHE B 429 -2.16 15.60 0.00
CA PHE B 429 -1.01 16.16 -0.68
C PHE B 429 -0.31 17.20 0.21
N THR B 430 -1.08 18.11 0.80
CA THR B 430 -0.53 19.15 1.66
C THR B 430 0.24 18.52 2.83
N GLY B 431 -0.34 17.47 3.41
CA GLY B 431 0.32 16.77 4.51
C GLY B 431 1.61 16.12 4.07
N ALA B 432 1.59 15.49 2.89
CA ALA B 432 2.78 14.84 2.34
C ALA B 432 3.88 15.86 2.03
N LEU B 433 3.50 17.02 1.51
CA LEU B 433 4.47 18.08 1.21
C LEU B 433 5.11 18.60 2.49
N ALA B 434 4.29 18.76 3.54
CA ALA B 434 4.80 19.22 4.83
C ALA B 434 5.87 18.22 5.33
N LYS B 435 5.65 16.91 5.11
CA LYS B 435 6.65 15.92 5.55
C LYS B 435 7.92 16.02 4.72
N MET B 436 7.77 16.20 3.42
CA MET B 436 8.95 16.31 2.53
C MET B 436 9.73 17.59 2.79
N TYR B 437 9.02 18.67 3.12
CA TYR B 437 9.69 19.93 3.44
C TYR B 437 10.47 19.70 4.73
N LYS B 438 9.86 18.99 5.68
CA LYS B 438 10.55 18.67 6.93
C LYS B 438 11.82 17.86 6.62
N HIS B 439 11.69 16.88 5.73
CA HIS B 439 12.83 16.02 5.40
C HIS B 439 13.91 16.65 4.55
N SER B 440 13.51 17.41 3.53
CA SER B 440 14.44 17.95 2.55
C SER B 440 14.42 19.44 2.23
N GLY B 441 13.56 20.20 2.91
CA GLY B 441 13.53 21.63 2.70
C GLY B 441 13.02 22.13 1.37
N GLY B 442 13.52 23.25 1.00
CA GLY B 442 13.08 24.01 -0.16
C GLY B 442 12.36 25.24 0.32
N ASP B 443 12.92 26.41 0.04
CA ASP B 443 12.40 27.64 0.60
C ASP B 443 11.16 28.20 -0.05
N PRO B 444 10.12 28.49 0.74
CA PRO B 444 8.91 29.06 0.14
C PRO B 444 9.26 30.48 -0.31
N ILE B 445 8.43 31.05 -1.19
CA ILE B 445 8.63 32.41 -1.67
C ILE B 445 8.14 33.34 -0.55
N PRO B 446 9.01 34.23 -0.05
CA PRO B 446 8.63 35.16 1.03
C PRO B 446 7.48 36.12 0.68
N ASN B 447 6.50 36.18 1.59
CA ASN B 447 5.32 37.03 1.42
C ASN B 447 4.68 36.85 0.05
N PHE B 448 4.50 35.60 -0.36
CA PHE B 448 3.91 35.29 -1.66
C PHE B 448 2.47 35.73 -1.74
N LYS B 449 2.14 36.39 -2.84
CA LYS B 449 0.79 36.83 -3.09
C LYS B 449 0.41 36.50 -4.52
N ALA B 450 -0.87 36.62 -4.81
CA ALA B 450 -1.36 36.35 -6.15
C ALA B 450 -2.07 37.57 -6.71
N ILE B 451 -1.37 38.70 -6.68
CA ILE B 451 -1.90 39.94 -7.24
C ILE B 451 -1.49 39.91 -8.70
N GLU B 452 -2.45 39.55 -9.55
CA GLU B 452 -2.20 39.42 -10.97
C GLU B 452 -2.25 40.69 -11.79
N LYS B 453 -1.47 40.71 -12.86
CA LYS B 453 -1.50 41.82 -13.81
C LYS B 453 -2.84 41.61 -14.54
N ILE B 454 -3.55 42.68 -14.84
CA ILE B 454 -4.81 42.57 -15.58
C ILE B 454 -4.41 42.41 -17.06
N THR B 455 -4.75 41.26 -17.63
CA THR B 455 -4.36 40.93 -19.01
C THR B 455 -5.29 41.25 -20.18
N ASN B 456 -6.50 41.73 -19.87
CA ASN B 456 -7.42 42.16 -20.92
C ASN B 456 -8.15 43.35 -20.35
N ASP B 457 -8.44 44.34 -21.18
CA ASP B 457 -9.19 45.50 -20.70
C ASP B 457 -10.51 44.97 -20.14
N GLU B 458 -10.84 45.34 -18.91
CA GLU B 458 -12.05 44.82 -18.26
C GLU B 458 -13.42 45.26 -18.77
N VAL B 459 -13.50 46.48 -19.28
CA VAL B 459 -14.75 46.99 -19.84
C VAL B 459 -14.34 47.69 -21.13
N ILE B 460 -14.89 47.23 -22.25
CA ILE B 460 -14.54 47.81 -23.54
C ILE B 460 -15.75 48.23 -24.35
N ILE B 461 -15.48 48.92 -25.44
CA ILE B 461 -16.54 49.34 -26.32
C ILE B 461 -16.08 49.07 -27.75
N LYS B 462 -16.99 48.54 -28.55
CA LYS B 462 -16.73 48.28 -29.97
C LYS B 462 -17.73 49.15 -30.70
N ALA B 463 -17.32 49.71 -31.84
CA ALA B 463 -18.26 50.56 -32.54
C ALA B 463 -18.10 50.51 -34.07
N GLY B 464 -19.11 51.00 -34.76
CA GLY B 464 -19.08 51.02 -36.22
C GLY B 464 -20.11 52.01 -36.70
N LEU B 465 -19.99 52.40 -37.96
CA LEU B 465 -20.93 53.36 -38.54
C LEU B 465 -22.19 52.60 -38.92
N ASN B 466 -23.32 52.97 -38.34
CA ASN B 466 -24.58 52.28 -38.64
C ASN B 466 -25.37 52.90 -39.78
N SER B 467 -25.34 54.22 -39.88
CA SER B 467 -26.05 54.91 -40.94
C SER B 467 -25.42 56.30 -41.06
N THR B 468 -25.44 56.85 -42.26
CA THR B 468 -24.87 58.16 -42.48
C THR B 468 -25.70 58.89 -43.54
N GLY B 469 -25.71 60.21 -43.45
CA GLY B 469 -26.45 61.01 -44.40
C GLY B 469 -25.82 62.39 -44.44
N PRO B 470 -26.24 63.25 -45.37
CA PRO B 470 -25.71 64.61 -45.49
C PRO B 470 -25.79 65.46 -44.21
N ASN B 471 -26.71 65.14 -43.30
CA ASN B 471 -26.88 65.90 -42.05
C ASN B 471 -26.77 65.04 -40.78
N TYR B 472 -26.20 63.83 -40.85
CA TYR B 472 -26.11 63.04 -39.61
C TYR B 472 -25.11 61.91 -39.62
N THR B 473 -24.78 61.45 -38.41
CA THR B 473 -23.91 60.28 -38.20
C THR B 473 -24.68 59.43 -37.20
N GLU B 474 -24.84 58.14 -37.51
CA GLU B 474 -25.48 57.22 -36.58
C GLU B 474 -24.47 56.11 -36.27
N ILE B 475 -24.17 55.96 -34.98
CA ILE B 475 -23.19 54.96 -34.52
C ILE B 475 -23.86 53.75 -33.89
N LYS B 476 -23.25 52.58 -34.08
CA LYS B 476 -23.70 51.35 -33.44
C LYS B 476 -22.55 51.08 -32.47
N ALA B 477 -22.83 51.11 -31.17
CA ALA B 477 -21.81 50.85 -30.18
C ALA B 477 -22.23 49.66 -29.32
N VAL B 478 -21.26 48.86 -28.90
CA VAL B 478 -21.54 47.72 -28.04
C VAL B 478 -20.49 47.71 -26.92
N VAL B 479 -20.98 47.83 -25.69
CA VAL B 479 -20.15 47.82 -24.49
C VAL B 479 -20.08 46.38 -23.97
N TYR B 480 -18.89 45.94 -23.60
CA TYR B 480 -18.65 44.57 -23.08
C TYR B 480 -18.01 44.57 -21.71
N ASN B 481 -18.57 43.77 -20.81
CA ASN B 481 -18.04 43.58 -19.47
C ASN B 481 -17.20 42.31 -19.59
N GLN B 482 -15.87 42.47 -19.54
CA GLN B 482 -14.93 41.34 -19.61
C GLN B 482 -14.12 41.37 -18.30
N THR B 483 -14.82 41.70 -17.22
CA THR B 483 -14.17 41.81 -15.92
C THR B 483 -13.64 40.49 -15.40
N GLY B 484 -12.52 40.54 -14.69
CA GLY B 484 -11.96 39.32 -14.14
C GLY B 484 -11.15 39.52 -12.87
N TRP B 485 -10.91 40.78 -12.50
CA TRP B 485 -10.09 41.09 -11.33
C TRP B 485 -10.73 42.05 -10.33
N PRO B 486 -11.85 41.62 -9.71
CA PRO B 486 -12.52 40.34 -9.90
C PRO B 486 -13.69 40.46 -10.90
N ALA B 487 -14.22 39.32 -11.31
CA ALA B 487 -15.40 39.31 -12.17
C ALA B 487 -16.44 40.06 -11.33
N ARG B 488 -17.20 40.95 -11.96
CA ARG B 488 -18.18 41.73 -11.23
C ARG B 488 -19.24 42.35 -12.12
N VAL B 489 -20.37 42.66 -11.50
CA VAL B 489 -21.46 43.30 -12.20
C VAL B 489 -21.01 44.75 -12.42
N THR B 490 -21.27 45.30 -13.61
CA THR B 490 -20.92 46.69 -13.87
C THR B 490 -22.23 47.41 -14.23
N ASP B 491 -22.85 48.01 -13.20
CA ASP B 491 -24.12 48.70 -13.38
C ASP B 491 -24.06 50.23 -13.36
N LYS B 492 -22.86 50.78 -13.56
CA LYS B 492 -22.65 52.23 -13.57
C LYS B 492 -21.76 52.62 -14.75
N ILE B 493 -21.95 51.97 -15.90
CA ILE B 493 -21.14 52.24 -17.09
C ILE B 493 -21.79 53.29 -17.98
N SER B 494 -20.96 54.17 -18.55
CA SER B 494 -21.44 55.20 -19.49
C SER B 494 -20.30 55.47 -20.46
N PHE B 495 -20.64 56.07 -21.63
CA PHE B 495 -19.53 56.43 -22.51
C PHE B 495 -19.84 57.74 -23.24
N LYS B 496 -18.76 58.35 -23.78
CA LYS B 496 -18.92 59.67 -24.41
C LYS B 496 -18.45 59.66 -25.86
N TYR B 497 -19.28 60.23 -26.73
CA TYR B 497 -18.97 60.36 -28.15
C TYR B 497 -18.65 61.84 -28.42
N PHE B 498 -17.40 62.12 -28.79
CA PHE B 498 -16.93 63.49 -29.03
C PHE B 498 -16.99 63.99 -30.46
N MET B 499 -17.45 65.22 -30.64
CA MET B 499 -17.57 65.82 -31.96
C MET B 499 -16.98 67.23 -31.97
N ASP B 500 -16.49 67.64 -33.09
CA ASP B 500 -16.13 69.04 -33.32
C ASP B 500 -17.27 69.70 -34.07
N LEU B 501 -18.01 70.60 -33.44
CA LEU B 501 -19.15 71.20 -34.11
C LEU B 501 -18.86 72.62 -34.60
N SER B 502 -17.60 72.88 -34.98
CA SER B 502 -17.25 74.21 -35.50
C SER B 502 -18.08 74.55 -36.74
N GLU B 503 -18.32 73.55 -37.59
CA GLU B 503 -19.11 73.82 -38.80
C GLU B 503 -20.58 74.18 -38.51
N ILE B 504 -21.12 73.67 -37.41
CA ILE B 504 -22.50 73.92 -37.02
C ILE B 504 -22.58 75.38 -36.53
N VAL B 505 -21.64 75.75 -35.65
CA VAL B 505 -21.58 77.13 -35.16
C VAL B 505 -21.39 78.10 -36.34
N ALA B 506 -20.48 77.79 -37.26
CA ALA B 506 -20.22 78.65 -38.43
C ALA B 506 -21.41 78.85 -39.36
N ALA B 507 -22.26 77.83 -39.45
CA ALA B 507 -23.47 77.87 -40.29
C ALA B 507 -24.58 78.66 -39.59
N GLY B 508 -24.28 79.11 -38.37
CA GLY B 508 -25.24 79.87 -37.58
C GLY B 508 -26.33 79.03 -36.95
N ILE B 509 -25.96 77.83 -36.50
CA ILE B 509 -26.91 76.91 -35.87
C ILE B 509 -26.41 76.60 -34.45
N ASP B 510 -27.31 76.65 -33.49
CA ASP B 510 -26.97 76.36 -32.09
C ASP B 510 -26.47 74.90 -31.99
N PRO B 511 -25.20 74.68 -31.58
CA PRO B 511 -24.70 73.30 -31.48
C PRO B 511 -25.39 72.47 -30.41
N LEU B 512 -25.86 73.13 -29.35
CA LEU B 512 -26.55 72.42 -28.28
C LEU B 512 -28.00 72.04 -28.64
N SER B 513 -28.44 72.48 -29.83
CA SER B 513 -29.81 72.23 -30.34
C SER B 513 -29.92 71.01 -31.24
N LEU B 514 -28.78 70.40 -31.60
CA LEU B 514 -28.83 69.25 -32.49
C LEU B 514 -29.60 68.08 -31.88
N VAL B 515 -30.43 67.46 -32.70
CA VAL B 515 -31.24 66.34 -32.28
C VAL B 515 -30.41 65.08 -32.13
N THR B 516 -30.50 64.46 -30.96
CA THR B 516 -29.82 63.20 -30.68
C THR B 516 -30.95 62.20 -30.52
N SER B 517 -30.69 60.96 -30.90
CA SER B 517 -31.73 59.95 -30.85
C SER B 517 -31.13 58.56 -30.89
N SER B 518 -31.95 57.57 -30.60
CA SER B 518 -31.50 56.19 -30.62
C SER B 518 -32.55 55.31 -31.30
N ASN B 519 -32.21 54.73 -32.44
CA ASN B 519 -33.21 53.87 -33.09
C ASN B 519 -33.24 52.47 -32.48
N TYR B 520 -32.24 52.18 -31.64
CA TYR B 520 -32.20 50.86 -31.01
C TYR B 520 -31.27 50.88 -29.79
N SER B 521 -31.76 50.36 -28.66
CA SER B 521 -31.03 50.26 -27.41
C SER B 521 -31.33 48.86 -26.89
N GLU B 522 -30.35 48.17 -26.33
CA GLU B 522 -30.62 46.86 -25.81
C GLU B 522 -31.25 46.88 -24.44
N GLY B 523 -30.74 47.73 -23.54
CA GLY B 523 -31.27 47.80 -22.19
C GLY B 523 -32.35 48.82 -21.92
N LYS B 524 -33.16 48.53 -20.89
CA LYS B 524 -34.27 49.39 -20.49
C LYS B 524 -33.81 50.67 -19.80
N ASN B 525 -32.56 50.71 -19.34
CA ASN B 525 -32.05 51.88 -18.64
C ASN B 525 -31.16 52.82 -19.45
N THR B 526 -30.89 52.44 -20.70
CA THR B 526 -30.03 53.22 -21.57
C THR B 526 -30.59 54.62 -21.85
N LYS B 527 -29.75 55.63 -21.63
CA LYS B 527 -30.15 57.03 -21.85
C LYS B 527 -29.13 57.78 -22.71
N VAL B 528 -29.60 58.43 -23.79
CA VAL B 528 -28.71 59.19 -24.66
C VAL B 528 -29.03 60.66 -24.44
N SER B 529 -28.03 61.40 -23.99
CA SER B 529 -28.19 62.82 -23.70
C SER B 529 -28.28 63.62 -24.98
N GLY B 530 -28.58 64.91 -24.83
CA GLY B 530 -28.57 65.79 -25.97
C GLY B 530 -27.11 66.19 -26.09
N VAL B 531 -26.80 67.11 -27.01
CA VAL B 531 -25.42 67.55 -27.20
C VAL B 531 -25.01 68.38 -25.99
N LEU B 532 -23.85 68.04 -25.41
CA LEU B 532 -23.29 68.73 -24.24
C LEU B 532 -21.91 69.33 -24.54
N PRO B 533 -21.58 70.46 -23.91
CA PRO B 533 -20.25 71.06 -24.18
C PRO B 533 -19.12 70.34 -23.45
N TRP B 534 -17.96 70.24 -24.10
CA TRP B 534 -16.78 69.62 -23.51
C TRP B 534 -15.69 70.68 -23.37
N ASP B 535 -15.35 71.30 -24.50
CA ASP B 535 -14.35 72.36 -24.58
C ASP B 535 -14.96 73.31 -25.62
N VAL B 536 -15.85 74.17 -25.15
CA VAL B 536 -16.55 75.09 -26.05
C VAL B 536 -15.60 76.01 -26.82
N SER B 537 -14.51 76.43 -26.19
CA SER B 537 -13.50 77.30 -26.80
C SER B 537 -12.97 76.67 -28.09
N ASN B 538 -12.90 75.35 -28.12
CA ASN B 538 -12.42 74.64 -29.29
C ASN B 538 -13.51 73.89 -30.05
N ASN B 539 -14.76 74.26 -29.80
CA ASN B 539 -15.92 73.66 -30.46
C ASN B 539 -16.07 72.17 -30.24
N VAL B 540 -15.59 71.64 -29.11
CA VAL B 540 -15.70 70.21 -28.85
C VAL B 540 -16.94 69.96 -28.01
N TYR B 541 -17.82 69.08 -28.49
CA TYR B 541 -19.06 68.75 -27.80
C TYR B 541 -19.16 67.24 -27.72
N TYR B 542 -20.13 66.73 -26.98
CA TYR B 542 -20.25 65.29 -26.90
C TYR B 542 -21.65 64.85 -26.54
N VAL B 543 -21.90 63.57 -26.78
CA VAL B 543 -23.15 62.95 -26.41
C VAL B 543 -22.78 61.90 -25.35
N ASN B 544 -23.51 61.90 -24.26
CA ASN B 544 -23.30 60.96 -23.17
C ASN B 544 -24.30 59.81 -23.28
N VAL B 545 -23.82 58.58 -23.26
CA VAL B 545 -24.71 57.42 -23.32
C VAL B 545 -24.54 56.74 -21.97
N ASP B 546 -25.62 56.68 -21.22
CA ASP B 546 -25.56 56.13 -19.88
C ASP B 546 -26.22 54.77 -19.80
N LEU B 547 -25.50 53.80 -19.23
CA LEU B 547 -26.02 52.45 -19.05
C LEU B 547 -26.23 52.11 -17.58
N THR B 548 -26.22 53.13 -16.72
CA THR B 548 -26.42 52.95 -15.29
C THR B 548 -27.75 52.27 -15.04
N GLY B 549 -27.73 51.23 -14.21
CA GLY B 549 -28.94 50.50 -13.91
C GLY B 549 -28.96 49.13 -14.58
N GLU B 550 -28.19 49.01 -15.67
CA GLU B 550 -28.08 47.76 -16.41
C GLU B 550 -27.20 46.77 -15.65
N ASN B 551 -27.73 45.58 -15.43
CA ASN B 551 -27.04 44.51 -14.71
C ASN B 551 -26.09 43.79 -15.67
N ILE B 552 -25.06 44.49 -16.14
CA ILE B 552 -24.11 43.86 -17.08
C ILE B 552 -23.14 43.01 -16.27
N TYR B 553 -23.00 41.72 -16.60
CA TYR B 553 -22.08 40.87 -15.87
C TYR B 553 -21.41 39.85 -16.79
N PRO B 554 -20.21 39.38 -16.41
CA PRO B 554 -19.47 38.42 -17.22
C PRO B 554 -19.94 36.95 -17.06
N GLY B 555 -21.15 36.67 -17.55
CA GLY B 555 -21.69 35.33 -17.41
C GLY B 555 -22.57 34.86 -18.56
N GLY B 556 -22.34 35.40 -19.76
CA GLY B 556 -23.13 34.99 -20.89
C GLY B 556 -22.92 35.93 -22.07
N GLN B 557 -23.25 35.48 -23.27
CA GLN B 557 -23.11 36.30 -24.49
C GLN B 557 -23.99 37.54 -24.43
N SER B 558 -25.21 37.38 -23.93
N SER B 558 -25.21 37.38 -23.93
CA SER B 558 -26.13 38.50 -23.82
CA SER B 558 -26.13 38.50 -23.82
C SER B 558 -25.92 39.25 -22.49
C SER B 558 -25.92 39.25 -22.49
N ALA B 559 -25.57 38.52 -21.44
CA ALA B 559 -25.34 39.12 -20.13
C ALA B 559 -24.20 40.15 -20.07
N CYS B 560 -23.11 39.87 -20.78
CA CYS B 560 -21.90 40.71 -20.75
C CYS B 560 -21.89 41.92 -21.66
N ARG B 561 -22.93 42.10 -22.46
CA ARG B 561 -22.93 43.22 -23.39
C ARG B 561 -24.25 43.95 -23.52
N ARG B 562 -24.14 45.19 -24.01
CA ARG B 562 -25.31 46.03 -24.26
C ARG B 562 -25.05 46.82 -25.54
N GLU B 563 -25.92 46.67 -26.52
CA GLU B 563 -25.80 47.41 -27.76
C GLU B 563 -26.64 48.68 -27.69
N VAL B 564 -26.07 49.77 -28.20
CA VAL B 564 -26.77 51.06 -28.25
C VAL B 564 -26.45 51.73 -29.58
N GLN B 565 -27.50 52.13 -30.30
CA GLN B 565 -27.32 52.87 -31.54
C GLN B 565 -27.77 54.30 -31.24
N PHE B 566 -26.95 55.27 -31.61
CA PHE B 566 -27.31 56.67 -31.37
C PHE B 566 -26.95 57.50 -32.59
N ARG B 567 -27.68 58.58 -32.78
CA ARG B 567 -27.51 59.45 -33.93
C ARG B 567 -27.48 60.91 -33.51
N ILE B 568 -26.66 61.69 -34.20
CA ILE B 568 -26.60 63.13 -33.96
C ILE B 568 -26.89 63.74 -35.34
N ALA B 569 -27.83 64.67 -35.41
CA ALA B 569 -28.19 65.28 -36.68
C ALA B 569 -28.18 66.80 -36.76
N ALA B 570 -27.69 67.30 -37.89
CA ALA B 570 -27.70 68.74 -38.21
C ALA B 570 -29.14 68.95 -38.76
N PRO B 571 -29.56 70.21 -39.00
CA PRO B 571 -30.92 70.41 -39.51
C PRO B 571 -31.24 69.66 -40.78
N GLN B 572 -32.49 69.24 -40.88
CA GLN B 572 -32.94 68.49 -42.03
C GLN B 572 -32.65 69.26 -43.33
N GLY B 573 -32.20 68.53 -44.35
CA GLY B 573 -31.91 69.14 -45.63
C GLY B 573 -30.56 69.84 -45.79
N THR B 574 -29.81 70.00 -44.70
CA THR B 574 -28.51 70.66 -44.77
C THR B 574 -27.40 69.69 -45.16
N THR B 575 -26.26 70.21 -45.58
CA THR B 575 -25.15 69.36 -46.04
C THR B 575 -23.78 69.80 -45.50
N TYR B 576 -23.77 70.59 -44.44
CA TYR B 576 -22.52 71.07 -43.83
C TYR B 576 -22.00 70.23 -42.66
N TRP B 577 -22.83 69.30 -42.18
CA TRP B 577 -22.40 68.40 -41.10
C TRP B 577 -21.09 67.73 -41.57
N ASN B 578 -20.05 67.79 -40.75
CA ASN B 578 -18.76 67.19 -41.11
C ASN B 578 -18.30 66.26 -39.97
N PRO B 579 -18.46 64.95 -40.15
CA PRO B 579 -18.03 64.02 -39.10
C PRO B 579 -16.52 63.79 -39.07
N LYS B 580 -15.84 64.18 -40.14
CA LYS B 580 -14.40 63.98 -40.28
C LYS B 580 -13.50 64.75 -39.33
N ASN B 581 -14.03 65.80 -38.70
CA ASN B 581 -13.22 66.52 -37.72
C ASN B 581 -13.67 66.14 -36.31
N ASP B 582 -14.49 65.08 -36.20
CA ASP B 582 -14.99 64.66 -34.87
C ASP B 582 -14.01 63.66 -34.27
N PHE B 583 -13.53 63.94 -33.07
CA PHE B 583 -12.57 63.04 -32.39
C PHE B 583 -13.03 61.58 -32.39
N SER B 584 -14.29 61.33 -32.02
CA SER B 584 -14.78 59.94 -31.95
C SER B 584 -15.07 59.25 -33.27
N TYR B 585 -14.97 59.97 -34.35
CA TYR B 585 -15.29 59.42 -35.69
C TYR B 585 -14.01 58.93 -36.36
N ASP B 586 -12.85 59.40 -35.92
CA ASP B 586 -11.56 59.04 -36.51
C ASP B 586 -11.27 57.54 -36.43
N GLY B 587 -11.09 56.93 -37.60
CA GLY B 587 -10.80 55.51 -37.66
C GLY B 587 -11.99 54.63 -37.38
N LEU B 588 -13.14 55.23 -37.05
CA LEU B 588 -14.36 54.47 -36.76
C LEU B 588 -14.67 53.53 -37.93
N PRO B 589 -14.87 52.23 -37.65
CA PRO B 589 -15.17 51.23 -38.70
C PRO B 589 -16.32 51.76 -39.57
N THR B 590 -16.06 51.86 -40.86
CA THR B 590 -17.01 52.41 -41.82
C THR B 590 -18.20 51.55 -42.26
N THR B 591 -18.15 50.25 -42.01
CA THR B 591 -19.25 49.40 -42.43
C THR B 591 -20.42 49.41 -41.44
N SER B 592 -20.24 48.70 -40.33
CA SER B 592 -21.21 48.54 -39.25
C SER B 592 -20.75 47.34 -38.42
N THR B 593 -19.80 46.59 -38.97
CA THR B 593 -19.25 45.45 -38.27
C THR B 593 -18.33 46.12 -37.24
N VAL B 594 -18.83 46.19 -36.00
CA VAL B 594 -18.13 46.83 -34.91
C VAL B 594 -16.75 46.26 -34.61
N ASN B 595 -15.86 47.15 -34.22
CA ASN B 595 -14.50 46.81 -33.84
C ASN B 595 -14.17 47.65 -32.61
N THR B 596 -13.31 47.10 -31.76
CA THR B 596 -12.91 47.81 -30.55
C THR B 596 -12.32 49.16 -30.95
N VAL B 597 -12.78 50.22 -30.30
CA VAL B 597 -12.28 51.57 -30.57
C VAL B 597 -11.76 52.18 -29.26
N THR B 598 -10.81 53.10 -29.38
CA THR B 598 -10.23 53.74 -28.23
C THR B 598 -10.52 55.23 -28.12
N ASN B 599 -11.38 55.74 -29.01
CA ASN B 599 -11.75 57.16 -28.99
C ASN B 599 -13.22 57.45 -28.58
N ILE B 600 -13.91 56.48 -28.06
CA ILE B 600 -15.21 56.64 -27.41
C ILE B 600 -15.09 56.14 -25.98
N PRO B 601 -14.40 56.98 -25.16
CA PRO B 601 -14.08 56.58 -23.78
C PRO B 601 -15.23 56.07 -22.94
N VAL B 602 -14.92 55.03 -22.16
CA VAL B 602 -15.90 54.37 -21.30
C VAL B 602 -15.60 54.73 -19.85
N TYR B 603 -16.66 55.01 -19.09
CA TYR B 603 -16.53 55.42 -17.70
C TYR B 603 -17.27 54.47 -16.79
N ASP B 604 -16.70 54.23 -15.60
CA ASP B 604 -17.30 53.36 -14.60
C ASP B 604 -17.51 54.29 -13.39
N ASN B 605 -18.78 54.58 -13.08
CA ASN B 605 -19.15 55.49 -12.01
C ASN B 605 -18.45 56.84 -12.22
N GLY B 606 -18.41 57.27 -13.49
CA GLY B 606 -17.80 58.55 -13.84
C GLY B 606 -16.28 58.59 -14.00
N VAL B 607 -15.62 57.48 -13.75
CA VAL B 607 -14.17 57.40 -13.85
C VAL B 607 -13.80 56.70 -15.15
N LYS B 608 -13.00 57.37 -15.99
CA LYS B 608 -12.60 56.77 -17.26
C LYS B 608 -11.79 55.50 -17.02
N VAL B 609 -12.21 54.40 -17.64
CA VAL B 609 -11.52 53.11 -17.50
C VAL B 609 -11.00 52.55 -18.82
N PHE B 610 -11.48 53.09 -19.94
CA PHE B 610 -11.05 52.62 -21.25
C PHE B 610 -11.16 53.72 -22.30
N GLY B 611 -10.20 53.77 -23.20
CA GLY B 611 -10.24 54.75 -24.26
C GLY B 611 -9.63 56.07 -23.88
N ASN B 612 -9.71 57.03 -24.80
CA ASN B 612 -9.13 58.35 -24.59
C ASN B 612 -10.11 59.48 -24.85
N GLU B 613 -9.83 60.62 -24.23
CA GLU B 613 -10.63 61.84 -24.40
C GLU B 613 -9.85 62.70 -25.40
N PRO B 614 -10.52 63.68 -26.03
CA PRO B 614 -9.78 64.51 -27.00
C PRO B 614 -8.49 65.19 -26.48
#